data_8R1V
#
_entry.id   8R1V
#
_cell.length_a   100.947
_cell.length_b   104.339
_cell.length_c   144.117
_cell.angle_alpha   90.000
_cell.angle_beta   90.000
_cell.angle_gamma   90.000
#
_symmetry.space_group_name_H-M   'C 2 2 21'
#
loop_
_entity.id
_entity.type
_entity.pdbx_description
1 polymer '3-oxoacyl-[acyl-carrier-protein] synthase 2'
2 non-polymer N-(1,5-dimethyl-3-oxo-2-phenyl-2,3-dihydro-1H-pyrazol-4-yl)-2-(4-methoxyphenoxy)acetamide
3 non-polymer 'DIMETHYL SULFOXIDE'
4 non-polymer 'FORMIC ACID'
5 water water
#
_entity_poly.entity_id   1
_entity_poly.type   'polypeptide(L)'
_entity_poly.pdbx_seq_one_letter_code
;GHMASMSRRRVVITGMGMLSPLGLDVPSSWEGILAGRSGIAPIEHMDLSAYSTRFGGSVKGFNVEEYLSAKEARKLDLFI
QYGLAASFQAVRDSGLEVTDANRERIGVSMGSGIGGLTNIENNCRSLFEQGPRRISPFFVPGSIINMVSGFLSIHLGLQG
PNYALTTAATTGTHSIGMAARNIAYGEADVMVAGGSEMAACGLGLGGFGAARALSTRNDEPTRASRPWDRDRDGFVLSDG
SGALVLEELEHARARGARIYAELVGFGMSGDAFHMTAPPEDGAGAARCMKNALRDAGLDPRQVDYINAHGTSTPAGDIAE
IAAVKSVFGEHAHALSMSSTKSMTGHLLGAAGAVEAIFSVLALRDQVAPPTINLDNPDEGCDLDLVAHEAKPRKIDVALS
NSFGFGGTNGTLVFRRFAD
;
_entity_poly.pdbx_strand_id   A,B
#
loop_
_chem_comp.id
_chem_comp.type
_chem_comp.name
_chem_comp.formula
DMS non-polymer 'DIMETHYL SULFOXIDE' 'C2 H6 O S'
FMT non-polymer 'FORMIC ACID' 'C H2 O2'
XJR non-polymer N-(1,5-dimethyl-3-oxo-2-phenyl-2,3-dihydro-1H-pyrazol-4-yl)-2-(4-methoxyphenoxy)acetamide 'C20 H21 N3 O4'
#
# COMPACT_ATOMS: atom_id res chain seq x y z
N MET A 6 -12.25 -31.33 -29.95
CA MET A 6 -12.47 -32.18 -28.75
C MET A 6 -11.27 -32.08 -27.79
N SER A 7 -10.04 -32.22 -28.31
CA SER A 7 -8.82 -32.09 -27.52
C SER A 7 -8.17 -30.71 -27.72
N ARG A 8 -8.90 -29.66 -27.26
CA ARG A 8 -8.31 -28.40 -26.83
C ARG A 8 -7.88 -28.44 -25.34
N ARG A 9 -7.03 -27.49 -25.00
CA ARG A 9 -6.40 -27.37 -23.72
C ARG A 9 -7.32 -26.56 -22.80
N ARG A 10 -7.17 -26.81 -21.48
CA ARG A 10 -7.96 -26.16 -20.45
C ARG A 10 -7.29 -24.85 -20.04
N VAL A 11 -8.11 -23.86 -19.65
CA VAL A 11 -7.67 -22.52 -19.31
C VAL A 11 -8.14 -22.18 -17.90
N VAL A 12 -7.21 -21.76 -17.04
CA VAL A 12 -7.52 -21.34 -15.68
C VAL A 12 -7.07 -19.89 -15.46
N ILE A 13 -7.65 -19.27 -14.42
CA ILE A 13 -7.34 -17.91 -14.01
C ILE A 13 -6.31 -18.00 -12.89
N THR A 14 -5.10 -17.48 -13.08
CA THR A 14 -4.03 -17.51 -12.11
C THR A 14 -3.73 -16.14 -11.50
N GLY A 15 -4.42 -15.07 -11.90
CA GLY A 15 -4.00 -13.73 -11.52
C GLY A 15 -5.09 -12.74 -11.91
N MET A 16 -5.37 -11.73 -11.07
CA MET A 16 -6.40 -10.75 -11.36
C MET A 16 -5.92 -9.40 -10.88
N GLY A 17 -6.49 -8.36 -11.44
CA GLY A 17 -6.16 -6.99 -11.05
C GLY A 17 -7.23 -6.04 -11.53
N MET A 18 -7.34 -4.87 -10.84
CA MET A 18 -8.49 -4.02 -11.02
C MET A 18 -8.28 -2.63 -10.43
N LEU A 19 -8.77 -1.61 -11.11
CA LEU A 19 -9.17 -0.35 -10.54
C LEU A 19 -10.67 -0.22 -10.82
N SER A 20 -11.42 0.20 -9.80
CA SER A 20 -12.84 0.49 -9.97
C SER A 20 -13.29 1.67 -9.13
N PRO A 21 -14.54 2.14 -9.26
CA PRO A 21 -15.07 3.10 -8.29
C PRO A 21 -15.18 2.66 -6.82
N LEU A 22 -14.99 1.36 -6.52
CA LEU A 22 -14.92 0.79 -5.21
C LEU A 22 -13.51 0.57 -4.63
N GLY A 23 -12.44 0.66 -5.43
CA GLY A 23 -11.10 0.50 -4.88
C GLY A 23 -10.01 0.46 -5.94
N LEU A 24 -8.76 0.66 -5.48
CA LEU A 24 -7.57 0.66 -6.33
C LEU A 24 -6.96 -0.71 -6.47
N ASP A 25 -7.63 -1.79 -6.01
CA ASP A 25 -7.23 -3.15 -6.32
C ASP A 25 -8.45 -4.06 -6.23
N VAL A 26 -8.25 -5.38 -6.41
CA VAL A 26 -9.25 -6.41 -6.32
C VAL A 26 -9.75 -6.54 -4.88
N PRO A 27 -8.94 -6.78 -3.81
CA PRO A 27 -9.52 -6.94 -2.45
C PRO A 27 -10.38 -5.79 -1.95
N SER A 28 -9.95 -4.54 -2.17
CA SER A 28 -10.75 -3.38 -1.71
C SER A 28 -12.05 -3.22 -2.50
N SER A 29 -12.00 -3.42 -3.84
CA SER A 29 -13.19 -3.47 -4.70
C SER A 29 -14.22 -4.49 -4.23
N TRP A 30 -13.78 -5.74 -4.02
CA TRP A 30 -14.62 -6.87 -3.63
C TRP A 30 -15.20 -6.68 -2.23
N GLU A 31 -14.42 -6.11 -1.29
CA GLU A 31 -14.99 -5.75 0.01
C GLU A 31 -16.16 -4.76 -0.18
N GLY A 32 -16.00 -3.71 -0.99
CA GLY A 32 -17.11 -2.82 -1.31
C GLY A 32 -18.37 -3.54 -1.84
N ILE A 33 -18.13 -4.48 -2.77
CA ILE A 33 -19.20 -5.19 -3.45
C ILE A 33 -19.93 -6.01 -2.37
N LEU A 34 -19.21 -6.75 -1.54
CA LEU A 34 -19.86 -7.64 -0.58
C LEU A 34 -20.60 -6.86 0.50
N ALA A 35 -20.13 -5.65 0.78
CA ALA A 35 -20.77 -4.73 1.70
C ALA A 35 -21.93 -3.94 1.09
N GLY A 36 -22.24 -4.03 -0.23
CA GLY A 36 -23.32 -3.21 -0.76
C GLY A 36 -22.98 -1.72 -0.86
N ARG A 37 -21.68 -1.39 -1.01
CA ARG A 37 -21.19 -0.01 -1.07
CA ARG A 37 -21.19 -0.01 -1.07
C ARG A 37 -21.41 0.53 -2.49
N SER A 38 -21.86 1.79 -2.64
CA SER A 38 -21.88 2.53 -3.89
C SER A 38 -20.50 3.17 -4.11
N GLY A 39 -20.02 3.21 -5.36
CA GLY A 39 -18.88 4.02 -5.77
C GLY A 39 -19.25 5.24 -6.62
N ILE A 40 -20.51 5.67 -6.58
CA ILE A 40 -21.00 6.67 -7.48
C ILE A 40 -21.04 7.96 -6.71
N ALA A 41 -20.60 9.04 -7.31
CA ALA A 41 -20.64 10.31 -6.60
C ALA A 41 -20.67 11.45 -7.60
N PRO A 42 -20.91 12.70 -7.14
CA PRO A 42 -20.79 13.86 -8.04
C PRO A 42 -19.36 13.95 -8.60
N ILE A 43 -19.17 14.16 -9.89
CA ILE A 43 -17.86 14.20 -10.54
C ILE A 43 -17.07 15.43 -10.06
N GLU A 44 -15.85 15.24 -9.52
CA GLU A 44 -15.03 16.30 -8.91
C GLU A 44 -14.19 17.03 -9.96
N HIS A 45 -13.69 16.30 -10.97
CA HIS A 45 -12.59 16.75 -11.82
C HIS A 45 -13.04 17.67 -12.93
N MET A 46 -14.33 17.99 -13.13
CA MET A 46 -14.72 18.95 -14.17
C MET A 46 -16.08 19.61 -13.86
N ASP A 47 -16.32 20.76 -14.53
CA ASP A 47 -17.44 21.64 -14.27
C ASP A 47 -18.60 21.17 -15.14
N LEU A 48 -19.60 20.42 -14.59
CA LEU A 48 -20.74 19.88 -15.33
C LEU A 48 -22.05 20.68 -15.17
N SER A 49 -22.00 22.00 -14.83
CA SER A 49 -23.13 22.95 -14.79
C SER A 49 -24.17 22.77 -15.92
N ALA A 50 -23.71 22.59 -17.17
CA ALA A 50 -24.58 22.60 -18.35
C ALA A 50 -25.09 21.22 -18.79
N TYR A 51 -24.72 20.14 -18.05
CA TYR A 51 -24.96 18.75 -18.37
C TYR A 51 -26.12 18.25 -17.52
N SER A 52 -26.91 17.34 -18.07
CA SER A 52 -28.06 16.79 -17.36
C SER A 52 -27.67 15.71 -16.34
N THR A 53 -26.48 15.11 -16.45
CA THR A 53 -25.92 14.18 -15.49
C THR A 53 -24.58 14.74 -14.96
N ARG A 54 -24.42 14.78 -13.63
CA ARG A 54 -23.28 15.43 -12.99
C ARG A 54 -22.55 14.46 -12.09
N PHE A 55 -22.79 13.13 -12.26
CA PHE A 55 -22.22 12.13 -11.39
C PHE A 55 -21.81 10.91 -12.21
N GLY A 56 -20.96 10.12 -11.56
CA GLY A 56 -20.53 8.86 -12.09
C GLY A 56 -19.62 8.13 -11.13
N GLY A 57 -19.12 6.98 -11.58
CA GLY A 57 -18.12 6.25 -10.81
C GLY A 57 -16.72 6.65 -11.24
N SER A 58 -16.00 7.40 -10.43
CA SER A 58 -14.62 7.75 -10.67
C SER A 58 -13.70 6.81 -9.91
N VAL A 59 -12.50 6.62 -10.44
CA VAL A 59 -11.38 6.02 -9.74
C VAL A 59 -10.83 7.12 -8.83
N LYS A 60 -10.69 6.82 -7.52
CA LYS A 60 -10.34 7.79 -6.47
C LYS A 60 -8.97 7.48 -5.85
N GLY A 61 -8.08 8.52 -5.81
CA GLY A 61 -6.74 8.41 -5.24
C GLY A 61 -5.74 7.52 -6.02
N PHE A 62 -5.92 7.42 -7.36
CA PHE A 62 -5.05 6.63 -8.22
C PHE A 62 -3.70 7.32 -8.30
N ASN A 63 -2.62 6.57 -8.03
CA ASN A 63 -1.24 7.06 -8.21
C ASN A 63 -0.55 6.19 -9.27
N VAL A 64 -0.50 6.67 -10.52
CA VAL A 64 0.17 5.96 -11.61
C VAL A 64 1.66 5.67 -11.30
N GLU A 65 2.30 6.48 -10.44
CA GLU A 65 3.71 6.32 -10.12
C GLU A 65 3.98 5.05 -9.32
N GLU A 66 2.96 4.34 -8.80
CA GLU A 66 3.12 2.99 -8.26
C GLU A 66 3.52 1.98 -9.32
N TYR A 67 3.15 2.26 -10.57
CA TYR A 67 3.25 1.34 -11.69
C TYR A 67 4.30 1.77 -12.71
N LEU A 68 4.50 3.07 -12.92
CA LEU A 68 5.29 3.60 -14.00
C LEU A 68 5.99 4.84 -13.46
N SER A 69 7.12 5.20 -14.08
CA SER A 69 7.74 6.49 -13.81
C SER A 69 6.82 7.62 -14.30
N ALA A 70 6.89 8.77 -13.63
CA ALA A 70 6.22 9.97 -14.07
C ALA A 70 6.50 10.23 -15.55
N LYS A 71 7.77 10.04 -16.01
CA LYS A 71 8.24 10.26 -17.38
C LYS A 71 7.34 9.45 -18.36
N GLU A 72 7.26 8.12 -18.17
CA GLU A 72 6.44 7.22 -18.98
C GLU A 72 4.94 7.54 -18.88
N ALA A 73 4.44 7.89 -17.68
CA ALA A 73 3.01 8.04 -17.49
C ALA A 73 2.44 9.28 -18.19
N ARG A 74 3.18 10.40 -18.31
CA ARG A 74 2.69 11.62 -18.98
C ARG A 74 2.60 11.46 -20.52
N LYS A 75 3.18 10.40 -21.10
CA LYS A 75 2.90 9.98 -22.46
C LYS A 75 1.51 9.35 -22.62
N LEU A 76 0.74 8.97 -21.56
CA LEU A 76 -0.41 8.05 -21.66
C LEU A 76 -1.75 8.62 -21.21
N ASP A 77 -2.82 8.40 -22.02
CA ASP A 77 -4.20 8.69 -21.57
C ASP A 77 -4.52 7.93 -20.28
N LEU A 78 -5.45 8.45 -19.49
CA LEU A 78 -5.87 7.73 -18.30
C LEU A 78 -6.36 6.32 -18.56
N PHE A 79 -6.96 5.99 -19.74
CA PHE A 79 -7.47 4.63 -19.96
C PHE A 79 -6.28 3.68 -20.10
N ILE A 80 -5.16 4.18 -20.62
CA ILE A 80 -3.96 3.36 -20.75
C ILE A 80 -3.35 3.13 -19.35
N GLN A 81 -3.25 4.19 -18.55
CA GLN A 81 -2.76 4.09 -17.17
C GLN A 81 -3.58 3.12 -16.33
N TYR A 82 -4.90 3.17 -16.48
CA TYR A 82 -5.78 2.28 -15.75
C TYR A 82 -5.62 0.82 -16.19
N GLY A 83 -5.53 0.60 -17.52
CA GLY A 83 -5.29 -0.70 -18.08
C GLY A 83 -3.94 -1.27 -17.68
N LEU A 84 -2.87 -0.43 -17.67
CA LEU A 84 -1.59 -0.95 -17.24
C LEU A 84 -1.58 -1.27 -15.73
N ALA A 85 -2.19 -0.43 -14.90
CA ALA A 85 -2.28 -0.69 -13.45
C ALA A 85 -2.89 -2.08 -13.20
N ALA A 86 -4.03 -2.37 -13.86
CA ALA A 86 -4.77 -3.61 -13.67
C ALA A 86 -3.92 -4.81 -14.12
N SER A 87 -3.27 -4.65 -15.27
CA SER A 87 -2.46 -5.66 -15.93
C SER A 87 -1.30 -6.02 -15.03
N PHE A 88 -0.58 -4.98 -14.59
CA PHE A 88 0.52 -5.20 -13.66
C PHE A 88 0.06 -5.85 -12.37
N GLN A 89 -1.13 -5.48 -11.81
CA GLN A 89 -1.57 -6.12 -10.57
C GLN A 89 -1.78 -7.61 -10.81
N ALA A 90 -2.40 -7.96 -11.97
CA ALA A 90 -2.70 -9.34 -12.33
C ALA A 90 -1.48 -10.21 -12.57
N VAL A 91 -0.47 -9.63 -13.24
CA VAL A 91 0.76 -10.36 -13.56
C VAL A 91 1.51 -10.60 -12.26
N ARG A 92 1.66 -9.58 -11.41
CA ARG A 92 2.18 -9.78 -10.05
C ARG A 92 1.40 -10.85 -9.25
N ASP A 93 0.07 -10.82 -9.24
CA ASP A 93 -0.77 -11.75 -8.49
C ASP A 93 -0.59 -13.20 -8.99
N SER A 94 -0.23 -13.35 -10.29
CA SER A 94 -0.01 -14.64 -10.91
C SER A 94 1.28 -15.29 -10.43
N GLY A 95 2.28 -14.46 -10.08
CA GLY A 95 3.61 -14.92 -9.79
C GLY A 95 4.37 -15.42 -11.00
N LEU A 96 3.93 -15.16 -12.24
CA LEU A 96 4.56 -15.68 -13.45
C LEU A 96 5.94 -15.03 -13.57
N GLU A 97 6.96 -15.84 -13.90
CA GLU A 97 8.27 -15.30 -14.25
C GLU A 97 8.39 -15.38 -15.78
N VAL A 98 8.59 -14.22 -16.43
CA VAL A 98 8.77 -14.13 -17.89
C VAL A 98 10.25 -14.40 -18.15
N THR A 99 10.58 -15.36 -19.01
CA THR A 99 11.95 -15.66 -19.46
C THR A 99 12.05 -15.73 -20.99
N ASP A 100 13.30 -15.91 -21.49
CA ASP A 100 13.55 -16.17 -22.92
C ASP A 100 12.87 -17.45 -23.41
N ALA A 101 12.72 -18.47 -22.56
CA ALA A 101 12.08 -19.72 -22.94
C ALA A 101 10.56 -19.63 -23.12
N ASN A 102 9.90 -18.62 -22.53
CA ASN A 102 8.44 -18.54 -22.52
C ASN A 102 7.89 -17.21 -23.05
N ARG A 103 8.71 -16.16 -23.24
CA ARG A 103 8.14 -14.86 -23.57
C ARG A 103 7.37 -14.85 -24.90
N GLU A 104 7.69 -15.72 -25.86
CA GLU A 104 6.94 -15.85 -27.10
C GLU A 104 5.60 -16.55 -26.87
N ARG A 105 5.40 -17.22 -25.73
CA ARG A 105 4.16 -17.90 -25.36
C ARG A 105 3.28 -17.06 -24.45
N ILE A 106 3.60 -15.77 -24.24
CA ILE A 106 2.87 -14.89 -23.35
C ILE A 106 2.39 -13.72 -24.19
N GLY A 107 1.05 -13.58 -24.29
CA GLY A 107 0.41 -12.49 -25.03
C GLY A 107 -0.48 -11.59 -24.17
N VAL A 108 -1.08 -10.63 -24.87
CA VAL A 108 -1.93 -9.62 -24.24
C VAL A 108 -3.08 -9.23 -25.15
N SER A 109 -4.27 -9.15 -24.53
CA SER A 109 -5.53 -8.76 -25.16
C SER A 109 -6.28 -7.84 -24.20
N MET A 110 -5.93 -6.58 -24.13
CA MET A 110 -6.59 -5.60 -23.28
C MET A 110 -7.28 -4.61 -24.19
N GLY A 111 -8.62 -4.50 -24.10
CA GLY A 111 -9.42 -3.61 -24.93
C GLY A 111 -9.92 -2.32 -24.27
N SER A 112 -10.68 -1.57 -25.01
CA SER A 112 -11.43 -0.41 -24.57
C SER A 112 -12.57 -0.13 -25.58
N GLY A 113 -13.65 0.47 -25.05
CA GLY A 113 -14.78 0.92 -25.82
C GLY A 113 -14.51 2.18 -26.64
N ILE A 114 -14.09 3.25 -25.97
CA ILE A 114 -13.94 4.62 -26.50
C ILE A 114 -12.44 4.99 -26.61
N GLY A 115 -11.56 4.40 -25.77
CA GLY A 115 -10.14 4.69 -25.79
C GLY A 115 -9.89 6.09 -25.26
N GLY A 116 -8.97 6.84 -25.85
CA GLY A 116 -8.39 8.02 -25.20
C GLY A 116 -9.23 9.28 -25.50
N LEU A 117 -10.52 9.22 -25.12
CA LEU A 117 -11.48 10.27 -25.48
C LEU A 117 -11.13 11.57 -24.75
N THR A 118 -10.57 11.46 -23.54
CA THR A 118 -10.12 12.60 -22.77
C THR A 118 -8.96 13.29 -23.48
N ASN A 119 -7.98 12.50 -23.91
CA ASN A 119 -6.83 13.05 -24.60
C ASN A 119 -7.24 13.73 -25.88
N ILE A 120 -8.18 13.11 -26.59
CA ILE A 120 -8.62 13.64 -27.87
C ILE A 120 -9.24 15.03 -27.67
N GLU A 121 -10.09 15.21 -26.65
CA GLU A 121 -10.75 16.48 -26.29
C GLU A 121 -9.74 17.53 -25.82
N ASN A 122 -8.78 17.18 -24.94
CA ASN A 122 -7.73 18.14 -24.59
C ASN A 122 -6.97 18.61 -25.83
N ASN A 123 -6.58 17.67 -26.70
CA ASN A 123 -5.82 18.04 -27.89
C ASN A 123 -6.68 18.81 -28.90
N CYS A 124 -7.99 18.55 -28.96
CA CYS A 124 -8.92 19.39 -29.72
C CYS A 124 -8.98 20.86 -29.23
N ARG A 125 -9.01 21.06 -27.91
CA ARG A 125 -8.92 22.39 -27.31
C ARG A 125 -7.68 23.11 -27.88
N SER A 126 -6.50 22.50 -27.70
CA SER A 126 -5.24 23.00 -28.22
C SER A 126 -5.31 23.31 -29.71
N LEU A 127 -5.88 22.39 -30.49
CA LEU A 127 -5.97 22.53 -31.94
C LEU A 127 -6.79 23.76 -32.32
N PHE A 128 -7.97 23.93 -31.72
CA PHE A 128 -8.89 24.97 -32.14
C PHE A 128 -8.47 26.35 -31.61
N GLU A 129 -7.88 26.41 -30.39
CA GLU A 129 -7.41 27.64 -29.78
C GLU A 129 -6.18 28.14 -30.55
N GLN A 130 -5.16 27.28 -30.72
CA GLN A 130 -3.81 27.66 -31.11
C GLN A 130 -3.33 27.05 -32.44
N GLY A 131 -4.08 26.14 -33.09
CA GLY A 131 -3.58 25.47 -34.28
C GLY A 131 -2.78 24.21 -33.96
N PRO A 132 -2.37 23.42 -35.00
CA PRO A 132 -1.83 22.08 -34.80
C PRO A 132 -0.47 21.95 -34.14
N ARG A 133 0.31 23.05 -34.02
CA ARG A 133 1.61 23.03 -33.36
C ARG A 133 1.58 22.64 -31.87
N ARG A 134 0.46 22.91 -31.16
CA ARG A 134 0.33 22.57 -29.73
C ARG A 134 0.01 21.09 -29.51
N ILE A 135 -0.25 20.25 -30.54
CA ILE A 135 -0.53 18.82 -30.39
C ILE A 135 0.68 18.09 -29.81
N SER A 136 0.44 17.20 -28.83
CA SER A 136 1.55 16.44 -28.29
C SER A 136 2.04 15.51 -29.40
N PRO A 137 3.37 15.29 -29.60
CA PRO A 137 3.89 14.16 -30.37
C PRO A 137 3.56 12.75 -29.88
N PHE A 138 3.14 12.63 -28.60
CA PHE A 138 2.65 11.40 -28.00
C PHE A 138 1.16 11.22 -28.18
N PHE A 139 0.44 12.17 -28.80
CA PHE A 139 -0.99 12.11 -28.96
C PHE A 139 -1.45 10.76 -29.55
N VAL A 140 -0.93 10.34 -30.70
CA VAL A 140 -1.39 9.12 -31.35
C VAL A 140 -1.02 7.89 -30.51
N PRO A 141 0.27 7.59 -30.26
CA PRO A 141 0.61 6.40 -29.48
C PRO A 141 0.07 6.42 -28.04
N GLY A 142 -0.15 7.59 -27.43
CA GLY A 142 -0.71 7.64 -26.08
C GLY A 142 -2.24 7.63 -25.95
N SER A 143 -2.96 7.52 -27.07
CA SER A 143 -4.41 7.62 -27.10
C SER A 143 -5.11 6.46 -27.80
N ILE A 144 -4.43 5.61 -28.53
CA ILE A 144 -5.04 4.58 -29.36
C ILE A 144 -5.23 3.35 -28.45
N ILE A 145 -6.31 2.64 -28.73
CA ILE A 145 -6.81 1.57 -27.89
C ILE A 145 -5.78 0.45 -27.65
N ASN A 146 -5.04 0.06 -28.67
CA ASN A 146 -4.16 -1.10 -28.60
C ASN A 146 -2.90 -0.77 -27.81
N MET A 147 -2.72 0.47 -27.30
CA MET A 147 -1.50 0.78 -26.57
C MET A 147 -1.47 0.27 -25.12
N VAL A 148 -2.59 -0.20 -24.49
CA VAL A 148 -2.47 -0.99 -23.26
C VAL A 148 -1.74 -2.30 -23.54
N SER A 149 -2.17 -3.05 -24.56
CA SER A 149 -1.47 -4.24 -24.99
C SER A 149 -0.03 -3.92 -25.45
N GLY A 150 0.18 -2.79 -26.12
CA GLY A 150 1.49 -2.43 -26.63
C GLY A 150 2.49 -2.18 -25.49
N PHE A 151 2.17 -1.23 -24.62
CA PHE A 151 2.98 -0.88 -23.46
C PHE A 151 3.23 -2.03 -22.51
N LEU A 152 2.25 -2.88 -22.25
CA LEU A 152 2.46 -4.01 -21.35
C LEU A 152 3.47 -5.01 -21.92
N SER A 153 3.39 -5.23 -23.22
CA SER A 153 4.30 -6.16 -23.85
C SER A 153 5.74 -5.61 -23.82
N ILE A 154 5.87 -4.28 -23.94
CA ILE A 154 7.16 -3.61 -23.89
C ILE A 154 7.69 -3.70 -22.43
N HIS A 155 6.89 -3.31 -21.42
CA HIS A 155 7.30 -3.39 -20.02
C HIS A 155 7.70 -4.77 -19.53
N LEU A 156 6.94 -5.80 -19.88
CA LEU A 156 7.21 -7.15 -19.40
C LEU A 156 8.01 -7.98 -20.37
N GLY A 157 8.29 -7.49 -21.61
CA GLY A 157 8.91 -8.28 -22.65
C GLY A 157 8.04 -9.40 -23.20
N LEU A 158 6.75 -9.15 -23.45
CA LEU A 158 5.85 -10.20 -23.87
C LEU A 158 5.80 -10.23 -25.40
N GLN A 159 6.09 -11.38 -26.02
CA GLN A 159 6.28 -11.47 -27.46
C GLN A 159 5.20 -12.32 -28.12
N GLY A 160 4.23 -12.87 -27.38
CA GLY A 160 3.15 -13.64 -27.96
C GLY A 160 2.06 -12.74 -28.55
N PRO A 161 0.89 -13.30 -28.95
CA PRO A 161 -0.14 -12.53 -29.64
C PRO A 161 -0.50 -11.25 -28.91
N ASN A 162 -0.61 -10.16 -29.63
CA ASN A 162 -0.73 -8.84 -29.07
C ASN A 162 -1.88 -8.17 -29.83
N TYR A 163 -3.02 -7.86 -29.17
CA TYR A 163 -4.14 -7.27 -29.88
C TYR A 163 -5.09 -6.60 -28.91
N ALA A 164 -6.16 -5.99 -29.46
CA ALA A 164 -7.07 -5.19 -28.68
C ALA A 164 -8.45 -5.21 -29.37
N LEU A 165 -9.49 -5.68 -28.66
CA LEU A 165 -10.87 -5.65 -29.09
C LEU A 165 -11.43 -4.29 -28.72
N THR A 166 -12.49 -3.90 -29.41
CA THR A 166 -13.31 -2.76 -29.07
C THR A 166 -14.70 -3.13 -29.47
N THR A 167 -15.51 -3.64 -28.53
CA THR A 167 -16.87 -4.04 -28.83
C THR A 167 -17.78 -3.44 -27.78
N ALA A 168 -17.68 -2.10 -27.60
CA ALA A 168 -18.54 -1.36 -26.69
C ALA A 168 -18.52 -2.00 -25.30
N ALA A 169 -19.69 -2.11 -24.67
CA ALA A 169 -19.84 -2.71 -23.37
C ALA A 169 -19.53 -4.21 -23.35
N THR A 170 -19.32 -4.88 -24.51
CA THR A 170 -18.87 -6.27 -24.55
C THR A 170 -17.36 -6.42 -24.60
N THR A 171 -16.57 -5.35 -24.59
CA THR A 171 -15.13 -5.40 -24.84
C THR A 171 -14.40 -6.31 -23.90
N GLY A 172 -14.61 -6.09 -22.58
CA GLY A 172 -13.94 -6.88 -21.57
C GLY A 172 -14.21 -8.38 -21.69
N THR A 173 -15.48 -8.72 -21.96
CA THR A 173 -15.89 -10.10 -22.09
C THR A 173 -15.23 -10.74 -23.30
N HIS A 174 -15.36 -10.09 -24.48
CA HIS A 174 -14.73 -10.64 -25.65
C HIS A 174 -13.22 -10.72 -25.49
N SER A 175 -12.60 -9.69 -24.90
CA SER A 175 -11.13 -9.74 -24.76
C SER A 175 -10.67 -10.99 -24.01
N ILE A 176 -11.39 -11.37 -22.94
CA ILE A 176 -11.05 -12.50 -22.11
C ILE A 176 -11.34 -13.78 -22.88
N GLY A 177 -12.53 -13.88 -23.43
CA GLY A 177 -12.95 -15.05 -24.18
C GLY A 177 -12.01 -15.39 -25.36
N MET A 178 -11.69 -14.38 -26.15
CA MET A 178 -10.78 -14.59 -27.27
C MET A 178 -9.34 -14.87 -26.83
N ALA A 179 -8.95 -14.41 -25.65
CA ALA A 179 -7.63 -14.76 -25.12
C ALA A 179 -7.60 -16.20 -24.64
N ALA A 180 -8.71 -16.67 -24.04
CA ALA A 180 -8.84 -18.07 -23.62
C ALA A 180 -8.78 -18.99 -24.81
N ARG A 181 -9.42 -18.62 -25.96
CA ARG A 181 -9.35 -19.39 -27.19
C ARG A 181 -7.90 -19.52 -27.67
N ASN A 182 -7.14 -18.43 -27.67
CA ASN A 182 -5.76 -18.47 -28.08
C ASN A 182 -4.98 -19.54 -27.34
N ILE A 183 -5.21 -19.66 -26.01
CA ILE A 183 -4.54 -20.61 -25.14
C ILE A 183 -5.05 -22.01 -25.43
N ALA A 184 -6.37 -22.19 -25.52
CA ALA A 184 -6.93 -23.50 -25.79
C ALA A 184 -6.47 -24.09 -27.12
N TYR A 185 -6.30 -23.26 -28.16
CA TYR A 185 -5.89 -23.71 -29.47
C TYR A 185 -4.37 -23.63 -29.65
N GLY A 186 -3.55 -23.34 -28.64
CA GLY A 186 -2.10 -23.53 -28.71
C GLY A 186 -1.28 -22.36 -29.26
N GLU A 187 -1.88 -21.20 -29.56
CA GLU A 187 -1.17 -20.00 -29.97
C GLU A 187 -0.39 -19.33 -28.85
N ALA A 188 -0.77 -19.60 -27.58
CA ALA A 188 -0.08 -19.06 -26.42
C ALA A 188 -0.38 -19.97 -25.24
N ASP A 189 0.48 -19.90 -24.23
CA ASP A 189 0.29 -20.58 -22.96
C ASP A 189 -0.30 -19.64 -21.90
N VAL A 190 -0.04 -18.33 -21.98
CA VAL A 190 -0.49 -17.36 -21.01
C VAL A 190 -1.00 -16.15 -21.77
N MET A 191 -2.11 -15.55 -21.29
CA MET A 191 -2.57 -14.28 -21.83
C MET A 191 -2.99 -13.38 -20.70
N VAL A 192 -2.63 -12.11 -20.80
CA VAL A 192 -3.18 -11.02 -20.00
C VAL A 192 -4.35 -10.38 -20.75
N ALA A 193 -5.55 -10.32 -20.14
CA ALA A 193 -6.74 -9.95 -20.89
C ALA A 193 -7.76 -9.28 -20.01
N GLY A 194 -8.42 -8.34 -20.63
CA GLY A 194 -9.36 -7.51 -19.89
C GLY A 194 -9.67 -6.24 -20.67
N GLY A 195 -9.99 -5.18 -19.95
CA GLY A 195 -10.32 -3.92 -20.58
C GLY A 195 -10.17 -2.76 -19.62
N SER A 196 -10.21 -1.56 -20.16
CA SER A 196 -10.15 -0.33 -19.39
C SER A 196 -10.90 0.78 -20.08
N GLU A 197 -11.25 1.78 -19.26
CA GLU A 197 -12.05 2.86 -19.79
C GLU A 197 -11.92 4.06 -18.88
N MET A 198 -11.90 5.22 -19.51
CA MET A 198 -12.03 6.50 -18.82
C MET A 198 -12.63 7.48 -19.81
N ALA A 199 -13.97 7.51 -19.82
CA ALA A 199 -14.73 8.34 -20.74
C ALA A 199 -15.46 9.45 -19.98
N ALA A 200 -15.02 9.82 -18.77
CA ALA A 200 -15.64 10.89 -17.97
C ALA A 200 -14.99 12.22 -18.36
N CYS A 201 -15.34 12.66 -19.58
CA CYS A 201 -15.07 13.96 -20.15
C CYS A 201 -16.40 14.50 -20.70
N GLY A 202 -16.45 15.77 -21.13
CA GLY A 202 -17.60 16.36 -21.79
C GLY A 202 -18.16 15.58 -22.99
N LEU A 203 -17.28 15.04 -23.88
CA LEU A 203 -17.73 14.25 -25.01
C LEU A 203 -18.38 12.93 -24.58
N GLY A 204 -17.94 12.32 -23.47
CA GLY A 204 -18.56 11.10 -22.97
C GLY A 204 -19.93 11.37 -22.34
N LEU A 205 -19.92 12.22 -21.32
CA LEU A 205 -21.11 12.59 -20.59
C LEU A 205 -22.13 13.27 -21.48
N GLY A 206 -21.66 14.20 -22.33
CA GLY A 206 -22.50 14.83 -23.35
C GLY A 206 -22.93 13.88 -24.46
N GLY A 207 -22.08 12.94 -24.85
CA GLY A 207 -22.40 11.88 -25.81
C GLY A 207 -23.56 11.02 -25.32
N PHE A 208 -23.43 10.42 -24.13
CA PHE A 208 -24.50 9.57 -23.64
C PHE A 208 -25.75 10.33 -23.20
N GLY A 209 -25.61 11.60 -22.75
CA GLY A 209 -26.67 12.56 -22.48
C GLY A 209 -27.54 12.97 -23.66
N ALA A 210 -26.90 13.28 -24.80
CA ALA A 210 -27.57 13.60 -26.06
C ALA A 210 -28.48 12.46 -26.49
N ALA A 211 -27.96 11.22 -26.41
CA ALA A 211 -28.75 10.00 -26.66
C ALA A 211 -29.80 9.70 -25.57
N ARG A 212 -29.79 10.41 -24.43
CA ARG A 212 -30.77 10.35 -23.33
C ARG A 212 -30.62 8.99 -22.62
N ALA A 213 -29.38 8.47 -22.52
CA ALA A 213 -29.13 7.10 -22.07
C ALA A 213 -28.65 7.07 -20.62
N LEU A 214 -28.31 8.22 -20.00
CA LEU A 214 -27.79 8.21 -18.63
C LEU A 214 -28.91 8.47 -17.63
N SER A 215 -28.79 7.88 -16.41
CA SER A 215 -29.56 8.37 -15.30
C SER A 215 -29.26 9.85 -15.03
N THR A 216 -30.35 10.62 -14.84
CA THR A 216 -30.27 12.04 -14.46
C THR A 216 -30.60 12.27 -12.97
N ARG A 217 -30.39 11.29 -12.07
CA ARG A 217 -30.76 11.38 -10.67
C ARG A 217 -29.64 12.06 -9.90
N ASN A 218 -29.47 13.36 -10.16
CA ASN A 218 -28.40 14.17 -9.55
C ASN A 218 -28.57 14.33 -8.04
N ASP A 219 -29.83 14.35 -7.56
CA ASP A 219 -30.17 14.52 -6.14
C ASP A 219 -29.65 13.36 -5.30
N GLU A 220 -29.55 12.10 -5.83
CA GLU A 220 -29.24 10.88 -5.06
C GLU A 220 -28.32 9.98 -5.90
N PRO A 221 -27.07 10.37 -6.21
CA PRO A 221 -26.22 9.59 -7.13
C PRO A 221 -26.05 8.09 -6.79
N THR A 222 -26.00 7.76 -5.50
CA THR A 222 -25.81 6.38 -5.06
C THR A 222 -27.06 5.51 -5.33
N ARG A 223 -28.23 6.14 -5.47
CA ARG A 223 -29.47 5.46 -5.87
C ARG A 223 -29.77 5.45 -7.38
N ALA A 224 -28.92 6.02 -8.24
CA ALA A 224 -29.23 6.22 -9.67
C ALA A 224 -29.22 4.87 -10.38
N SER A 225 -28.17 4.06 -10.14
CA SER A 225 -28.01 2.74 -10.72
C SER A 225 -28.91 1.73 -10.01
N ARG A 226 -30.02 1.32 -10.67
CA ARG A 226 -31.06 0.53 -10.03
C ARG A 226 -31.59 -0.52 -11.00
N PRO A 227 -30.74 -1.53 -11.33
CA PRO A 227 -31.13 -2.60 -12.24
C PRO A 227 -32.40 -3.35 -11.84
N TRP A 228 -33.34 -3.52 -12.80
CA TRP A 228 -34.61 -4.19 -12.64
C TRP A 228 -35.62 -3.39 -11.79
N ASP A 229 -35.28 -2.18 -11.29
CA ASP A 229 -36.17 -1.41 -10.44
C ASP A 229 -37.09 -0.64 -11.36
N ARG A 230 -38.34 -0.52 -10.95
CA ARG A 230 -39.38 0.14 -11.74
C ARG A 230 -39.11 1.64 -11.90
N ASP A 231 -38.27 2.31 -11.11
CA ASP A 231 -37.96 3.72 -11.32
C ASP A 231 -36.58 3.89 -11.89
N ARG A 232 -35.97 2.85 -12.47
CA ARG A 232 -34.73 3.01 -13.24
C ARG A 232 -34.90 3.99 -14.41
N ASP A 233 -33.81 4.71 -14.78
CA ASP A 233 -33.88 5.73 -15.83
C ASP A 233 -32.55 5.82 -16.60
N GLY A 234 -31.89 4.67 -16.85
CA GLY A 234 -30.62 4.66 -17.55
C GLY A 234 -29.42 4.46 -16.63
N PHE A 235 -28.27 4.37 -17.30
CA PHE A 235 -27.09 3.80 -16.73
C PHE A 235 -26.31 4.93 -16.10
N VAL A 236 -25.32 4.54 -15.29
CA VAL A 236 -24.37 5.42 -14.68
C VAL A 236 -23.01 5.19 -15.31
N LEU A 237 -22.31 6.25 -15.67
CA LEU A 237 -21.06 6.15 -16.42
C LEU A 237 -19.93 5.99 -15.41
N SER A 238 -19.13 4.92 -15.52
CA SER A 238 -18.05 4.63 -14.58
C SER A 238 -16.73 4.35 -15.30
N ASP A 239 -15.61 4.46 -14.62
CA ASP A 239 -14.24 4.41 -15.14
C ASP A 239 -13.51 3.29 -14.39
N GLY A 240 -12.45 2.74 -15.01
CA GLY A 240 -11.68 1.68 -14.41
C GLY A 240 -11.12 0.66 -15.38
N SER A 241 -10.71 -0.48 -14.80
CA SER A 241 -9.99 -1.48 -15.56
C SER A 241 -10.02 -2.84 -14.83
N GLY A 242 -10.01 -3.90 -15.60
CA GLY A 242 -9.99 -5.28 -15.12
C GLY A 242 -8.98 -6.00 -15.95
N ALA A 243 -8.17 -6.86 -15.35
CA ALA A 243 -7.25 -7.73 -16.07
C ALA A 243 -7.14 -9.08 -15.36
N LEU A 244 -7.08 -10.16 -16.14
CA LEU A 244 -6.92 -11.54 -15.71
C LEU A 244 -5.69 -12.10 -16.41
N VAL A 245 -4.93 -12.91 -15.70
CA VAL A 245 -3.89 -13.77 -16.28
C VAL A 245 -4.54 -15.12 -16.52
N LEU A 246 -4.68 -15.47 -17.79
CA LEU A 246 -5.23 -16.73 -18.23
C LEU A 246 -4.02 -17.60 -18.52
N GLU A 247 -4.14 -18.91 -18.36
CA GLU A 247 -2.99 -19.82 -18.40
C GLU A 247 -3.44 -21.24 -18.70
N GLU A 248 -2.71 -21.95 -19.55
CA GLU A 248 -2.99 -23.35 -19.84
C GLU A 248 -2.78 -24.14 -18.54
N LEU A 249 -3.73 -25.05 -18.23
CA LEU A 249 -3.78 -25.71 -16.91
C LEU A 249 -2.45 -26.41 -16.57
N GLU A 250 -1.91 -27.20 -17.51
CA GLU A 250 -0.67 -27.95 -17.27
C GLU A 250 0.52 -27.00 -17.03
N HIS A 251 0.62 -25.91 -17.79
CA HIS A 251 1.52 -24.79 -17.47
C HIS A 251 1.37 -24.29 -16.03
N ALA A 252 0.13 -23.99 -15.58
CA ALA A 252 -0.12 -23.52 -14.24
C ALA A 252 0.34 -24.54 -13.16
N ARG A 253 -0.16 -25.78 -13.21
CA ARG A 253 0.22 -26.92 -12.36
C ARG A 253 1.74 -27.18 -12.30
N ALA A 254 2.44 -27.20 -13.45
CA ALA A 254 3.87 -27.47 -13.46
C ALA A 254 4.68 -26.44 -12.65
N ARG A 255 4.34 -25.13 -12.70
CA ARG A 255 5.00 -24.10 -11.89
C ARG A 255 4.34 -23.92 -10.52
N GLY A 256 3.30 -24.70 -10.15
CA GLY A 256 2.61 -24.60 -8.87
C GLY A 256 1.89 -23.27 -8.66
N ALA A 257 1.16 -22.79 -9.67
CA ALA A 257 0.42 -21.53 -9.60
C ALA A 257 -0.81 -21.70 -8.73
N ARG A 258 -1.25 -20.61 -8.09
CA ARG A 258 -2.55 -20.66 -7.43
C ARG A 258 -3.60 -20.45 -8.54
N ILE A 259 -4.59 -21.33 -8.63
CA ILE A 259 -5.69 -21.26 -9.56
C ILE A 259 -6.93 -20.75 -8.81
N TYR A 260 -7.48 -19.60 -9.21
CA TYR A 260 -8.77 -19.13 -8.72
C TYR A 260 -9.95 -19.96 -9.24
N ALA A 261 -9.93 -20.33 -10.53
CA ALA A 261 -11.08 -20.91 -11.21
C ALA A 261 -10.68 -21.28 -12.63
N GLU A 262 -11.57 -22.05 -13.27
CA GLU A 262 -11.41 -22.49 -14.64
C GLU A 262 -12.40 -21.74 -15.52
N LEU A 263 -11.88 -21.25 -16.67
CA LEU A 263 -12.68 -20.68 -17.74
C LEU A 263 -13.00 -21.83 -18.72
N VAL A 264 -14.27 -22.29 -18.72
CA VAL A 264 -14.77 -23.46 -19.42
C VAL A 264 -15.52 -23.06 -20.70
N GLY A 265 -16.02 -21.82 -20.81
CA GLY A 265 -17.00 -21.50 -21.81
C GLY A 265 -16.92 -20.05 -22.24
N PHE A 266 -16.99 -19.83 -23.55
CA PHE A 266 -17.14 -18.54 -24.15
C PHE A 266 -18.17 -18.64 -25.26
N GLY A 267 -19.07 -17.68 -25.30
CA GLY A 267 -20.08 -17.52 -26.31
C GLY A 267 -20.21 -16.07 -26.78
N MET A 268 -20.57 -15.96 -28.07
CA MET A 268 -20.83 -14.74 -28.82
C MET A 268 -22.12 -14.91 -29.64
N SER A 269 -22.79 -13.78 -29.87
CA SER A 269 -23.81 -13.64 -30.89
C SER A 269 -24.01 -12.17 -31.25
N GLY A 270 -24.78 -11.98 -32.33
CA GLY A 270 -25.33 -10.69 -32.77
C GLY A 270 -26.85 -10.74 -32.65
N ASP A 271 -27.46 -9.68 -32.09
CA ASP A 271 -28.91 -9.52 -32.13
C ASP A 271 -29.36 -9.32 -33.58
N ALA A 272 -28.60 -8.51 -34.35
CA ALA A 272 -28.99 -8.06 -35.67
C ALA A 272 -30.36 -7.35 -35.61
N PHE A 273 -30.56 -6.45 -34.65
CA PHE A 273 -31.87 -5.89 -34.36
C PHE A 273 -31.81 -4.39 -34.55
N HIS A 274 -30.95 -3.68 -33.82
CA HIS A 274 -30.92 -2.21 -33.70
C HIS A 274 -29.55 -1.74 -33.17
N MET A 275 -29.14 -0.50 -33.48
CA MET A 275 -27.85 0.06 -33.10
C MET A 275 -27.65 0.09 -31.57
N THR A 276 -28.71 0.34 -30.77
CA THR A 276 -28.64 0.61 -29.32
C THR A 276 -29.68 -0.18 -28.53
N ALA A 277 -30.93 -0.19 -28.98
CA ALA A 277 -32.00 -0.98 -28.36
C ALA A 277 -31.76 -2.49 -28.47
N PRO A 278 -31.99 -3.31 -27.41
CA PRO A 278 -32.07 -4.76 -27.56
C PRO A 278 -33.45 -5.20 -28.03
N PRO A 279 -33.62 -6.46 -28.54
CA PRO A 279 -34.95 -7.03 -28.77
C PRO A 279 -35.61 -7.35 -27.41
N GLU A 280 -36.95 -7.15 -27.35
CA GLU A 280 -37.73 -7.19 -26.11
C GLU A 280 -37.58 -8.56 -25.41
N ASP A 281 -37.47 -9.66 -26.21
CA ASP A 281 -37.28 -11.04 -25.74
C ASP A 281 -35.80 -11.45 -25.42
N GLY A 282 -34.81 -10.57 -25.57
CA GLY A 282 -33.39 -10.90 -25.42
C GLY A 282 -32.89 -12.12 -26.18
N ALA A 283 -33.45 -12.33 -27.39
CA ALA A 283 -33.22 -13.48 -28.26
C ALA A 283 -31.74 -13.68 -28.56
N GLY A 284 -31.00 -12.58 -28.83
CA GLY A 284 -29.57 -12.67 -29.02
C GLY A 284 -28.81 -12.99 -27.74
N ALA A 285 -29.22 -12.42 -26.58
CA ALA A 285 -28.62 -12.79 -25.28
C ALA A 285 -28.81 -14.28 -24.97
N ALA A 286 -30.01 -14.81 -25.26
CA ALA A 286 -30.34 -16.23 -25.12
C ALA A 286 -29.39 -17.11 -25.92
N ARG A 287 -29.24 -16.82 -27.24
CA ARG A 287 -28.37 -17.62 -28.11
C ARG A 287 -26.94 -17.56 -27.57
N CYS A 288 -26.48 -16.37 -27.19
CA CYS A 288 -25.13 -16.20 -26.64
C CYS A 288 -24.86 -17.05 -25.40
N MET A 289 -25.79 -17.00 -24.43
CA MET A 289 -25.70 -17.86 -23.25
C MET A 289 -25.74 -19.36 -23.61
N LYS A 290 -26.61 -19.78 -24.55
CA LYS A 290 -26.69 -21.18 -24.94
C LYS A 290 -25.38 -21.58 -25.62
N ASN A 291 -24.76 -20.67 -26.40
CA ASN A 291 -23.49 -20.99 -27.04
C ASN A 291 -22.40 -21.19 -25.97
N ALA A 292 -22.39 -20.34 -24.95
CA ALA A 292 -21.36 -20.40 -23.91
C ALA A 292 -21.46 -21.70 -23.11
N LEU A 293 -22.70 -22.12 -22.78
CA LEU A 293 -22.93 -23.34 -22.01
C LEU A 293 -22.56 -24.61 -22.79
N ARG A 294 -22.92 -24.64 -24.09
CA ARG A 294 -22.56 -25.70 -25.00
C ARG A 294 -21.04 -25.80 -25.19
N ASP A 295 -20.38 -24.66 -25.39
CA ASP A 295 -18.92 -24.52 -25.37
C ASP A 295 -18.30 -25.10 -24.09
N ALA A 296 -18.92 -24.86 -22.92
CA ALA A 296 -18.46 -25.44 -21.64
C ALA A 296 -18.86 -26.88 -21.41
N GLY A 297 -19.75 -27.45 -22.25
CA GLY A 297 -20.34 -28.75 -22.00
C GLY A 297 -21.14 -28.81 -20.70
N LEU A 298 -21.87 -27.74 -20.36
CA LEU A 298 -22.72 -27.63 -19.20
C LEU A 298 -24.18 -27.49 -19.63
N ASP A 299 -25.07 -28.22 -18.95
CA ASP A 299 -26.50 -27.99 -18.96
C ASP A 299 -26.83 -26.72 -18.19
N PRO A 300 -27.87 -25.96 -18.63
CA PRO A 300 -28.35 -24.81 -17.89
C PRO A 300 -28.64 -25.02 -16.40
N ARG A 301 -29.09 -26.23 -16.02
CA ARG A 301 -29.35 -26.56 -14.63
C ARG A 301 -28.11 -26.55 -13.72
N GLN A 302 -26.86 -26.52 -14.24
CA GLN A 302 -25.65 -26.50 -13.43
C GLN A 302 -25.15 -25.08 -13.15
N VAL A 303 -25.85 -24.03 -13.61
CA VAL A 303 -25.45 -22.66 -13.37
C VAL A 303 -26.05 -22.28 -12.03
N ASP A 304 -25.19 -21.79 -11.11
CA ASP A 304 -25.58 -21.30 -9.79
C ASP A 304 -25.70 -19.78 -9.71
N TYR A 305 -24.76 -19.05 -10.36
CA TYR A 305 -24.69 -17.59 -10.31
C TYR A 305 -24.48 -16.98 -11.71
N ILE A 306 -25.27 -15.92 -12.05
CA ILE A 306 -25.09 -15.12 -13.23
C ILE A 306 -24.77 -13.71 -12.73
N ASN A 307 -23.58 -13.22 -13.09
CA ASN A 307 -23.30 -11.80 -13.03
C ASN A 307 -23.88 -11.17 -14.30
N ALA A 308 -24.99 -10.45 -14.14
CA ALA A 308 -25.79 -9.94 -15.23
C ALA A 308 -25.12 -8.72 -15.83
N HIS A 309 -25.50 -8.37 -17.08
CA HIS A 309 -25.15 -7.09 -17.66
C HIS A 309 -25.78 -5.96 -16.86
N GLY A 310 -27.12 -5.96 -16.75
CA GLY A 310 -27.84 -5.24 -15.71
C GLY A 310 -27.48 -3.77 -15.59
N THR A 311 -27.72 -3.01 -16.63
CA THR A 311 -27.20 -1.66 -16.76
C THR A 311 -28.08 -0.57 -16.15
N SER A 312 -29.33 -0.88 -15.73
CA SER A 312 -30.30 0.10 -15.23
C SER A 312 -30.95 0.86 -16.38
N THR A 313 -31.20 0.19 -17.53
CA THR A 313 -32.01 0.79 -18.61
C THR A 313 -33.38 0.12 -18.63
N PRO A 314 -34.44 0.85 -19.04
CA PRO A 314 -35.77 0.24 -19.19
C PRO A 314 -35.81 -1.04 -20.06
N ALA A 315 -35.37 -0.96 -21.32
CA ALA A 315 -35.49 -2.11 -22.25
C ALA A 315 -34.50 -3.24 -21.95
N GLY A 316 -33.23 -2.85 -21.67
CA GLY A 316 -32.15 -3.74 -21.37
C GLY A 316 -32.45 -4.74 -20.27
N ASP A 317 -32.85 -4.20 -19.13
CA ASP A 317 -32.99 -5.03 -17.95
C ASP A 317 -34.10 -6.07 -18.13
N ILE A 318 -35.21 -5.68 -18.78
CA ILE A 318 -36.32 -6.59 -19.06
C ILE A 318 -35.87 -7.71 -19.98
N ALA A 319 -35.19 -7.32 -21.09
CA ALA A 319 -34.71 -8.25 -22.10
C ALA A 319 -33.78 -9.29 -21.52
N GLU A 320 -32.96 -8.91 -20.51
CA GLU A 320 -32.09 -9.89 -19.85
C GLU A 320 -32.88 -10.93 -19.05
N ILE A 321 -33.92 -10.49 -18.32
CA ILE A 321 -34.79 -11.39 -17.57
C ILE A 321 -35.40 -12.39 -18.54
N ALA A 322 -35.99 -11.91 -19.65
CA ALA A 322 -36.59 -12.80 -20.66
C ALA A 322 -35.59 -13.83 -21.22
N ALA A 323 -34.38 -13.37 -21.55
CA ALA A 323 -33.31 -14.22 -22.07
C ALA A 323 -32.99 -15.35 -21.10
N VAL A 324 -32.82 -14.95 -19.82
CA VAL A 324 -32.52 -15.89 -18.73
C VAL A 324 -33.68 -16.87 -18.53
N LYS A 325 -34.91 -16.40 -18.60
CA LYS A 325 -36.07 -17.31 -18.51
C LYS A 325 -36.12 -18.27 -19.71
N SER A 326 -35.80 -17.78 -20.95
CA SER A 326 -35.71 -18.64 -22.13
C SER A 326 -34.67 -19.73 -21.91
N VAL A 327 -33.44 -19.34 -21.52
CA VAL A 327 -32.34 -20.30 -21.46
C VAL A 327 -32.58 -21.33 -20.35
N PHE A 328 -32.91 -20.85 -19.14
CA PHE A 328 -32.86 -21.67 -17.93
C PHE A 328 -34.21 -22.28 -17.59
N GLY A 329 -35.34 -21.74 -18.09
CA GLY A 329 -36.66 -22.30 -17.79
C GLY A 329 -36.98 -22.22 -16.28
N GLU A 330 -37.38 -23.34 -15.67
CA GLU A 330 -37.75 -23.43 -14.26
C GLU A 330 -36.50 -23.29 -13.37
N HIS A 331 -35.31 -23.65 -13.87
CA HIS A 331 -34.06 -23.37 -13.19
C HIS A 331 -33.77 -21.85 -13.06
N ALA A 332 -34.46 -20.96 -13.79
CA ALA A 332 -34.30 -19.51 -13.59
C ALA A 332 -34.61 -19.09 -12.17
N HIS A 333 -35.50 -19.85 -11.47
CA HIS A 333 -35.90 -19.61 -10.07
C HIS A 333 -34.98 -20.26 -9.03
N ALA A 334 -34.00 -21.08 -9.40
CA ALA A 334 -33.06 -21.69 -8.47
C ALA A 334 -31.72 -20.92 -8.40
N LEU A 335 -31.20 -20.45 -9.53
CA LEU A 335 -29.97 -19.66 -9.57
C LEU A 335 -30.20 -18.26 -8.98
N SER A 336 -29.08 -17.58 -8.70
CA SER A 336 -29.06 -16.22 -8.23
C SER A 336 -28.42 -15.41 -9.36
N MET A 337 -29.02 -14.26 -9.66
CA MET A 337 -28.50 -13.39 -10.66
C MET A 337 -28.35 -12.02 -10.01
N SER A 338 -27.24 -11.31 -10.18
CA SER A 338 -27.15 -9.94 -9.71
C SER A 338 -26.40 -9.05 -10.69
N SER A 339 -26.64 -7.76 -10.54
CA SER A 339 -25.95 -6.71 -11.21
C SER A 339 -25.12 -5.97 -10.18
N THR A 340 -23.79 -6.14 -10.34
CA THR A 340 -22.84 -5.32 -9.62
C THR A 340 -22.69 -3.90 -10.17
N LYS A 341 -23.31 -3.57 -11.30
CA LYS A 341 -23.48 -2.18 -11.75
C LYS A 341 -24.33 -1.35 -10.80
N SER A 342 -25.23 -1.97 -10.03
CA SER A 342 -25.90 -1.29 -8.93
C SER A 342 -24.93 -0.52 -8.03
N MET A 343 -23.71 -1.04 -7.87
CA MET A 343 -22.66 -0.44 -7.07
C MET A 343 -21.59 0.26 -7.87
N THR A 344 -21.14 -0.37 -8.95
CA THR A 344 -19.98 0.08 -9.70
C THR A 344 -20.35 1.14 -10.71
N GLY A 345 -21.63 1.16 -11.14
CA GLY A 345 -22.01 1.80 -12.40
C GLY A 345 -21.50 0.98 -13.57
N HIS A 346 -21.70 1.53 -14.77
CA HIS A 346 -21.32 0.87 -16.02
C HIS A 346 -19.92 1.34 -16.38
N LEU A 347 -18.94 0.44 -16.33
CA LEU A 347 -17.57 0.68 -16.76
C LEU A 347 -17.29 0.45 -18.24
N LEU A 348 -18.33 0.42 -19.09
CA LEU A 348 -18.23 0.43 -20.55
C LEU A 348 -17.32 -0.73 -20.99
N GLY A 349 -16.18 -0.44 -21.63
CA GLY A 349 -15.35 -1.52 -22.15
C GLY A 349 -14.70 -2.35 -21.05
N ALA A 350 -14.54 -1.78 -19.83
CA ALA A 350 -14.03 -2.51 -18.67
C ALA A 350 -15.09 -3.32 -17.95
N ALA A 351 -16.39 -3.05 -18.22
CA ALA A 351 -17.48 -3.72 -17.52
C ALA A 351 -17.33 -5.25 -17.47
N GLY A 352 -17.04 -5.88 -18.58
CA GLY A 352 -16.99 -7.34 -18.57
C GLY A 352 -15.72 -7.87 -17.88
N ALA A 353 -14.67 -7.01 -17.76
CA ALA A 353 -13.41 -7.47 -17.17
C ALA A 353 -13.57 -7.48 -15.65
N VAL A 354 -14.10 -6.39 -15.09
CA VAL A 354 -14.34 -6.33 -13.65
C VAL A 354 -15.40 -7.35 -13.23
N GLU A 355 -16.43 -7.49 -14.06
CA GLU A 355 -17.47 -8.47 -13.76
C GLU A 355 -16.96 -9.90 -13.91
N ALA A 356 -15.95 -10.16 -14.77
CA ALA A 356 -15.35 -11.49 -14.82
C ALA A 356 -14.66 -11.79 -13.49
N ILE A 357 -14.02 -10.77 -12.91
CA ILE A 357 -13.32 -10.96 -11.64
C ILE A 357 -14.31 -11.23 -10.49
N PHE A 358 -15.39 -10.46 -10.42
CA PHE A 358 -16.40 -10.66 -9.40
C PHE A 358 -17.04 -12.04 -9.42
N SER A 359 -17.18 -12.58 -10.62
CA SER A 359 -17.74 -13.91 -10.83
C SER A 359 -16.79 -14.98 -10.34
N VAL A 360 -15.50 -14.82 -10.64
CA VAL A 360 -14.45 -15.67 -10.10
C VAL A 360 -14.46 -15.59 -8.55
N LEU A 361 -14.52 -14.39 -7.97
CA LEU A 361 -14.49 -14.23 -6.53
C LEU A 361 -15.78 -14.78 -5.89
N ALA A 362 -16.90 -14.74 -6.56
CA ALA A 362 -18.09 -15.43 -6.10
C ALA A 362 -17.86 -16.95 -6.01
N LEU A 363 -17.13 -17.53 -6.99
CA LEU A 363 -16.75 -18.92 -6.91
C LEU A 363 -15.82 -19.14 -5.71
N ARG A 364 -14.85 -18.25 -5.54
CA ARG A 364 -13.86 -18.42 -4.47
C ARG A 364 -14.55 -18.35 -3.09
N ASP A 365 -15.43 -17.36 -2.87
CA ASP A 365 -15.98 -17.02 -1.57
C ASP A 365 -17.35 -17.66 -1.36
N GLN A 366 -17.92 -18.35 -2.35
CA GLN A 366 -19.23 -18.97 -2.26
C GLN A 366 -20.24 -17.94 -1.78
N VAL A 367 -20.37 -16.85 -2.53
CA VAL A 367 -21.23 -15.75 -2.19
C VAL A 367 -21.68 -15.03 -3.46
N ALA A 368 -22.99 -14.75 -3.52
CA ALA A 368 -23.62 -14.09 -4.63
C ALA A 368 -23.60 -12.61 -4.22
N PRO A 369 -22.90 -11.73 -4.92
CA PRO A 369 -22.96 -10.33 -4.58
C PRO A 369 -24.33 -9.75 -4.83
N PRO A 370 -24.68 -8.62 -4.17
CA PRO A 370 -26.03 -8.08 -4.25
C PRO A 370 -26.30 -7.17 -5.44
N THR A 371 -27.59 -7.01 -5.74
CA THR A 371 -28.11 -5.90 -6.53
C THR A 371 -28.69 -4.90 -5.55
N ILE A 372 -27.94 -3.82 -5.27
CA ILE A 372 -28.45 -2.70 -4.46
C ILE A 372 -29.46 -1.88 -5.24
N ASN A 373 -30.15 -1.02 -4.51
CA ASN A 373 -31.20 -0.15 -5.04
C ASN A 373 -32.41 -0.87 -5.62
N LEU A 374 -32.51 -2.22 -5.56
CA LEU A 374 -33.71 -2.92 -6.06
C LEU A 374 -34.89 -2.85 -5.02
N ASP A 375 -35.47 -1.66 -4.91
CA ASP A 375 -36.54 -1.32 -4.00
C ASP A 375 -37.87 -1.94 -4.50
N ASN A 376 -38.20 -1.82 -5.79
CA ASN A 376 -39.49 -2.22 -6.35
C ASN A 376 -39.23 -2.92 -7.66
N PRO A 377 -38.93 -4.23 -7.67
CA PRO A 377 -38.70 -4.98 -8.91
C PRO A 377 -39.82 -4.76 -9.91
N ASP A 378 -39.46 -4.53 -11.19
CA ASP A 378 -40.45 -4.22 -12.21
C ASP A 378 -41.22 -5.50 -12.59
N GLU A 379 -42.32 -5.35 -13.37
CA GLU A 379 -43.15 -6.46 -13.85
C GLU A 379 -42.27 -7.48 -14.57
N GLY A 380 -42.35 -8.76 -14.16
CA GLY A 380 -41.53 -9.83 -14.69
C GLY A 380 -40.22 -10.09 -13.94
N CYS A 381 -39.75 -9.15 -13.10
CA CYS A 381 -38.45 -9.24 -12.45
C CYS A 381 -38.57 -10.01 -11.13
N ASP A 382 -38.97 -11.29 -11.27
CA ASP A 382 -39.36 -12.17 -10.18
C ASP A 382 -38.35 -13.31 -10.00
N LEU A 383 -37.09 -13.16 -10.47
CA LEU A 383 -36.01 -14.11 -10.15
C LEU A 383 -35.33 -13.75 -8.84
N ASP A 384 -34.42 -14.61 -8.33
CA ASP A 384 -33.59 -14.24 -7.20
C ASP A 384 -32.55 -13.29 -7.77
N LEU A 385 -32.83 -12.00 -7.61
CA LEU A 385 -31.97 -10.92 -8.00
C LEU A 385 -31.03 -10.46 -6.88
N VAL A 386 -31.02 -11.14 -5.70
CA VAL A 386 -30.06 -10.90 -4.63
C VAL A 386 -30.23 -9.46 -4.17
N ALA A 387 -31.48 -9.01 -4.00
CA ALA A 387 -31.74 -7.60 -3.73
C ALA A 387 -31.10 -7.20 -2.40
N HIS A 388 -30.35 -6.08 -2.37
CA HIS A 388 -29.96 -5.36 -1.15
C HIS A 388 -28.70 -5.91 -0.49
N GLU A 389 -28.57 -7.23 -0.28
CA GLU A 389 -27.47 -7.78 0.50
C GLU A 389 -26.92 -9.07 -0.09
N ALA A 390 -25.64 -9.32 0.16
CA ALA A 390 -24.95 -10.46 -0.41
C ALA A 390 -25.54 -11.75 0.15
N LYS A 391 -25.63 -12.82 -0.65
CA LYS A 391 -26.24 -14.10 -0.30
C LYS A 391 -25.14 -15.14 -0.36
N PRO A 392 -24.58 -15.61 0.80
CA PRO A 392 -23.85 -16.87 0.88
C PRO A 392 -24.66 -18.01 0.26
N ARG A 393 -24.06 -18.74 -0.66
CA ARG A 393 -24.69 -19.90 -1.28
C ARG A 393 -23.62 -20.73 -2.01
N LYS A 394 -24.00 -21.97 -2.36
CA LYS A 394 -23.17 -22.90 -3.12
C LYS A 394 -23.15 -22.39 -4.56
N ILE A 395 -21.93 -22.21 -5.10
CA ILE A 395 -21.72 -21.73 -6.46
C ILE A 395 -20.63 -22.59 -7.06
N ASP A 396 -21.00 -23.53 -7.95
CA ASP A 396 -20.02 -24.34 -8.71
C ASP A 396 -19.73 -23.71 -10.08
N VAL A 397 -20.74 -23.02 -10.68
CA VAL A 397 -20.66 -22.45 -12.00
C VAL A 397 -21.21 -21.01 -11.94
N ALA A 398 -20.38 -20.06 -12.37
CA ALA A 398 -20.76 -18.67 -12.52
C ALA A 398 -20.67 -18.28 -14.00
N LEU A 399 -21.63 -17.48 -14.47
CA LEU A 399 -21.74 -16.97 -15.83
C LEU A 399 -21.75 -15.44 -15.79
N SER A 400 -21.02 -14.80 -16.71
CA SER A 400 -20.95 -13.34 -16.81
C SER A 400 -21.40 -12.93 -18.21
N ASN A 401 -22.41 -12.03 -18.28
CA ASN A 401 -22.98 -11.53 -19.52
C ASN A 401 -22.57 -10.07 -19.74
N SER A 402 -22.25 -9.75 -21.00
CA SER A 402 -22.13 -8.41 -21.53
C SER A 402 -22.84 -8.35 -22.90
N PHE A 403 -23.54 -7.25 -23.12
CA PHE A 403 -24.35 -6.95 -24.29
C PHE A 403 -24.08 -5.49 -24.63
N GLY A 404 -23.70 -5.17 -25.89
CA GLY A 404 -23.28 -3.83 -26.25
C GLY A 404 -24.01 -3.25 -27.46
N PHE A 405 -23.87 -1.93 -27.67
CA PHE A 405 -24.17 -1.25 -28.91
C PHE A 405 -23.70 -2.01 -30.14
N GLY A 406 -24.54 -2.02 -31.20
CA GLY A 406 -24.36 -2.86 -32.37
C GLY A 406 -24.96 -4.27 -32.25
N GLY A 407 -25.63 -4.60 -31.12
CA GLY A 407 -26.15 -5.92 -30.80
C GLY A 407 -25.08 -6.98 -30.60
N THR A 408 -23.89 -6.60 -30.12
CA THR A 408 -22.82 -7.56 -29.90
C THR A 408 -22.90 -8.12 -28.47
N ASN A 409 -22.93 -9.45 -28.34
CA ASN A 409 -23.18 -10.17 -27.11
C ASN A 409 -22.00 -11.09 -26.82
N GLY A 410 -21.70 -11.26 -25.52
CA GLY A 410 -20.65 -12.11 -25.03
C GLY A 410 -20.99 -12.70 -23.66
N THR A 411 -20.75 -14.01 -23.48
CA THR A 411 -20.92 -14.65 -22.20
C THR A 411 -19.64 -15.40 -21.85
N LEU A 412 -19.18 -15.38 -20.57
CA LEU A 412 -18.11 -16.24 -20.04
C LEU A 412 -18.67 -17.19 -19.01
N VAL A 413 -18.24 -18.47 -19.08
CA VAL A 413 -18.62 -19.44 -18.08
C VAL A 413 -17.35 -19.83 -17.31
N PHE A 414 -17.47 -19.71 -15.97
CA PHE A 414 -16.43 -20.06 -15.02
C PHE A 414 -16.92 -21.19 -14.14
N ARG A 415 -15.98 -22.06 -13.72
CA ARG A 415 -16.26 -23.24 -12.91
C ARG A 415 -15.23 -23.27 -11.78
N ARG A 416 -15.65 -23.62 -10.55
CA ARG A 416 -14.73 -23.97 -9.46
C ARG A 416 -13.84 -25.14 -9.95
N PHE A 417 -12.54 -25.05 -9.64
CA PHE A 417 -11.55 -25.95 -10.27
C PHE A 417 -11.59 -27.37 -9.65
N ARG B 8 18.68 -5.46 42.60
CA ARG B 8 19.08 -4.86 41.30
C ARG B 8 19.40 -3.36 41.46
N ARG B 9 20.35 -2.93 40.63
CA ARG B 9 20.98 -1.63 40.73
C ARG B 9 20.20 -0.66 39.83
N ARG B 10 20.35 0.64 40.10
CA ARG B 10 19.73 1.73 39.39
C ARG B 10 20.64 2.18 38.24
N VAL B 11 20.01 2.68 37.19
CA VAL B 11 20.64 2.94 35.87
C VAL B 11 20.30 4.36 35.47
N VAL B 12 21.33 5.19 35.24
CA VAL B 12 21.11 6.57 34.81
C VAL B 12 21.82 6.83 33.47
N ILE B 13 21.41 7.92 32.78
CA ILE B 13 21.94 8.32 31.50
C ILE B 13 22.93 9.44 31.78
N THR B 14 24.21 9.23 31.45
CA THR B 14 25.26 10.22 31.69
C THR B 14 25.82 10.86 30.41
N GLY B 15 25.37 10.45 29.22
CA GLY B 15 25.98 10.87 27.97
C GLY B 15 25.08 10.48 26.82
N MET B 16 24.99 11.33 25.79
CA MET B 16 24.15 11.08 24.64
C MET B 16 24.87 11.62 23.40
N GLY B 17 24.49 11.05 22.26
CA GLY B 17 25.03 11.43 20.98
C GLY B 17 24.07 11.01 19.87
N MET B 18 24.19 11.72 18.73
CA MET B 18 23.16 11.61 17.70
C MET B 18 23.69 12.14 16.34
N LEU B 19 23.28 11.44 15.28
CA LEU B 19 23.13 11.99 13.95
C LEU B 19 21.69 11.83 13.55
N SER B 20 21.07 12.94 13.10
CA SER B 20 19.69 12.89 12.62
C SER B 20 19.49 13.76 11.39
N PRO B 21 18.31 13.71 10.72
CA PRO B 21 17.99 14.72 9.71
C PRO B 21 17.88 16.21 10.17
N LEU B 22 17.91 16.48 11.48
CA LEU B 22 17.91 17.82 12.05
C LEU B 22 19.28 18.26 12.56
N GLY B 23 20.31 17.40 12.55
CA GLY B 23 21.62 17.86 12.96
C GLY B 23 22.65 16.72 13.14
N LEU B 24 23.91 17.17 13.24
CA LEU B 24 25.09 16.32 13.37
C LEU B 24 25.43 16.12 14.84
N ASP B 25 24.61 16.60 15.78
CA ASP B 25 24.73 16.26 17.19
C ASP B 25 23.35 16.39 17.85
N VAL B 26 23.32 16.16 19.17
CA VAL B 26 22.17 16.26 20.06
C VAL B 26 21.75 17.72 20.17
N PRO B 27 22.58 18.72 20.52
CA PRO B 27 22.03 20.07 20.70
C PRO B 27 21.37 20.69 19.48
N SER B 28 21.96 20.49 18.28
CA SER B 28 21.37 21.01 17.03
C SER B 28 20.07 20.27 16.64
N SER B 29 20.03 18.91 16.75
CA SER B 29 18.83 18.12 16.59
C SER B 29 17.67 18.56 17.52
N TRP B 30 17.95 18.74 18.84
CA TRP B 30 16.97 19.14 19.84
C TRP B 30 16.48 20.55 19.60
N GLU B 31 17.37 21.45 19.15
CA GLU B 31 16.93 22.80 18.76
C GLU B 31 15.89 22.71 17.62
N GLY B 32 16.17 21.90 16.57
CA GLY B 32 15.24 21.60 15.48
C GLY B 32 13.87 21.15 15.97
N ILE B 33 13.89 20.24 16.95
CA ILE B 33 12.70 19.57 17.40
C ILE B 33 11.84 20.62 18.11
N LEU B 34 12.48 21.40 18.99
CA LEU B 34 11.76 22.40 19.75
C LEU B 34 11.15 23.49 18.88
N ALA B 35 11.77 23.75 17.75
CA ALA B 35 11.30 24.74 16.80
C ALA B 35 10.28 24.16 15.80
N GLY B 36 9.95 22.85 15.82
CA GLY B 36 9.07 22.30 14.82
C GLY B 36 9.66 22.27 13.41
N ARG B 37 11.00 22.15 13.27
CA ARG B 37 11.71 22.14 12.00
CA ARG B 37 11.63 22.16 11.95
C ARG B 37 11.56 20.75 11.39
N SER B 38 11.33 20.62 10.06
CA SER B 38 11.38 19.35 9.33
C SER B 38 12.81 19.09 8.92
N GLY B 39 13.25 17.81 8.97
CA GLY B 39 14.50 17.37 8.34
C GLY B 39 14.32 16.65 6.99
N ILE B 40 13.13 16.73 6.41
CA ILE B 40 12.77 15.91 5.28
C ILE B 40 12.99 16.77 4.04
N ALA B 41 13.66 16.18 3.06
CA ALA B 41 13.91 16.91 1.83
C ALA B 41 13.95 15.94 0.66
N PRO B 42 13.93 16.44 -0.59
CA PRO B 42 14.31 15.61 -1.74
C PRO B 42 15.67 14.97 -1.51
N ILE B 43 15.80 13.68 -1.86
CA ILE B 43 17.06 12.94 -1.71
C ILE B 43 18.06 13.40 -2.77
N GLU B 44 19.28 13.81 -2.34
CA GLU B 44 20.29 14.46 -3.17
C GLU B 44 21.20 13.41 -3.77
N HIS B 45 21.51 12.36 -3.00
CA HIS B 45 22.67 11.50 -3.23
C HIS B 45 22.36 10.40 -4.23
N MET B 46 21.15 10.31 -4.78
CA MET B 46 20.73 9.22 -5.64
C MET B 46 19.67 9.73 -6.63
N ASP B 47 19.60 9.14 -7.83
CA ASP B 47 18.74 9.56 -8.93
C ASP B 47 17.41 8.81 -8.75
N LEU B 48 16.39 9.45 -8.13
CA LEU B 48 15.07 8.83 -7.89
C LEU B 48 13.96 9.23 -8.88
N SER B 49 14.34 9.75 -10.10
CA SER B 49 13.47 10.17 -11.21
C SER B 49 12.28 9.22 -11.44
N ALA B 50 12.54 7.89 -11.40
CA ALA B 50 11.60 6.80 -11.69
C ALA B 50 11.00 6.11 -10.45
N TYR B 51 11.14 6.66 -9.22
CA TYR B 51 10.58 6.12 -7.98
C TYR B 51 9.33 6.92 -7.61
N SER B 52 8.41 6.27 -6.91
CA SER B 52 7.18 6.89 -6.42
C SER B 52 7.45 7.79 -5.22
N THR B 53 8.54 7.56 -4.45
CA THR B 53 8.94 8.39 -3.33
C THR B 53 10.36 8.91 -3.61
N ARG B 54 10.56 10.26 -3.55
CA ARG B 54 11.80 10.89 -4.00
C ARG B 54 12.37 11.77 -2.91
N PHE B 55 11.91 11.57 -1.65
CA PHE B 55 12.33 12.35 -0.50
C PHE B 55 12.47 11.43 0.68
N GLY B 56 13.19 11.97 1.67
CA GLY B 56 13.47 11.33 2.95
C GLY B 56 14.28 12.23 3.88
N GLY B 57 14.64 11.72 5.06
CA GLY B 57 15.43 12.44 6.06
C GLY B 57 16.88 11.96 5.92
N SER B 58 17.73 12.77 5.32
CA SER B 58 19.14 12.45 5.17
C SER B 58 19.90 13.15 6.28
N VAL B 59 21.04 12.58 6.63
CA VAL B 59 22.04 13.26 7.42
C VAL B 59 22.77 14.17 6.42
N LYS B 60 22.84 15.47 6.70
CA LYS B 60 23.40 16.50 5.84
C LYS B 60 24.73 17.02 6.43
N GLY B 61 25.78 16.94 5.57
CA GLY B 61 27.14 17.40 5.86
C GLY B 61 27.89 16.59 6.94
N PHE B 62 27.63 15.26 6.97
CA PHE B 62 28.32 14.34 7.86
C PHE B 62 29.79 14.27 7.42
N ASN B 63 30.72 14.54 8.33
CA ASN B 63 32.15 14.37 8.06
C ASN B 63 32.69 13.20 8.92
N VAL B 64 32.84 12.00 8.35
CA VAL B 64 33.38 10.86 9.08
C VAL B 64 34.81 11.11 9.61
N GLU B 65 35.58 12.01 8.98
CA GLU B 65 36.93 12.34 9.40
C GLU B 65 36.99 13.15 10.69
N GLU B 66 35.84 13.61 11.23
CA GLU B 66 35.78 14.10 12.61
C GLU B 66 35.96 12.95 13.60
N TYR B 67 35.72 11.69 13.21
CA TYR B 67 35.73 10.53 14.08
C TYR B 67 36.81 9.50 13.75
N LEU B 68 37.19 9.34 12.48
CA LEU B 68 38.00 8.26 11.97
C LEU B 68 38.97 8.81 10.93
N SER B 69 40.06 8.09 10.64
CA SER B 69 40.86 8.31 9.41
C SER B 69 40.06 7.87 8.15
N ALA B 70 40.38 8.49 7.01
CA ALA B 70 39.74 8.11 5.75
C ALA B 70 40.01 6.62 5.48
N LYS B 71 41.22 6.14 5.84
CA LYS B 71 41.63 4.74 5.73
C LYS B 71 40.60 3.82 6.43
N GLU B 72 40.27 4.07 7.71
CA GLU B 72 39.30 3.26 8.49
C GLU B 72 37.88 3.44 7.95
N ALA B 73 37.50 4.65 7.53
CA ALA B 73 36.12 4.93 7.15
C ALA B 73 35.70 4.15 5.88
N ARG B 74 36.60 4.01 4.88
CA ARG B 74 36.35 3.26 3.65
C ARG B 74 36.19 1.73 3.82
N LYS B 75 36.61 1.15 4.95
CA LYS B 75 36.24 -0.21 5.28
C LYS B 75 34.75 -0.37 5.66
N LEU B 76 33.95 0.71 5.98
CA LEU B 76 32.72 0.59 6.79
C LEU B 76 31.50 1.20 6.06
N ASP B 77 30.37 0.45 5.99
CA ASP B 77 29.08 1.02 5.55
C ASP B 77 28.72 2.27 6.36
N LEU B 78 27.98 3.16 5.73
CA LEU B 78 27.55 4.37 6.39
C LEU B 78 26.81 4.11 7.71
N PHE B 79 26.08 2.97 7.92
CA PHE B 79 25.34 2.76 9.15
C PHE B 79 26.34 2.56 10.29
N ILE B 80 27.53 2.00 10.00
CA ILE B 80 28.56 1.83 11.00
C ILE B 80 29.18 3.18 11.29
N GLN B 81 29.48 3.97 10.25
CA GLN B 81 29.99 5.33 10.42
C GLN B 81 29.10 6.21 11.30
N TYR B 82 27.78 6.16 11.02
CA TYR B 82 26.78 6.88 11.79
C TYR B 82 26.69 6.39 13.23
N GLY B 83 26.69 5.06 13.40
CA GLY B 83 26.70 4.45 14.71
C GLY B 83 27.91 4.84 15.57
N LEU B 84 29.09 4.85 14.97
CA LEU B 84 30.31 5.23 15.64
C LEU B 84 30.26 6.73 15.99
N ALA B 85 29.81 7.59 15.09
CA ALA B 85 29.75 9.02 15.38
C ALA B 85 28.91 9.27 16.64
N ALA B 86 27.69 8.67 16.71
CA ALA B 86 26.80 8.83 17.85
C ALA B 86 27.44 8.32 19.17
N SER B 87 28.06 7.14 19.09
CA SER B 87 28.73 6.49 20.21
C SER B 87 29.88 7.33 20.72
N PHE B 88 30.72 7.78 19.79
CA PHE B 88 31.78 8.69 20.18
C PHE B 88 31.26 9.96 20.83
N GLN B 89 30.20 10.55 20.32
CA GLN B 89 29.69 11.79 20.92
C GLN B 89 29.24 11.50 22.35
N ALA B 90 28.58 10.34 22.58
CA ALA B 90 28.00 10.01 23.88
C ALA B 90 29.07 9.70 24.92
N VAL B 91 30.11 8.97 24.51
CA VAL B 91 31.24 8.66 25.36
C VAL B 91 31.95 9.96 25.75
N ARG B 92 32.27 10.83 24.78
CA ARG B 92 32.81 12.17 25.06
C ARG B 92 31.90 12.97 26.02
N ASP B 93 30.57 12.97 25.79
CA ASP B 93 29.61 13.76 26.57
C ASP B 93 29.52 13.27 28.02
N SER B 94 29.75 11.96 28.23
CA SER B 94 29.75 11.34 29.52
C SER B 94 30.94 11.78 30.36
N GLY B 95 32.07 12.09 29.69
CA GLY B 95 33.34 12.33 30.34
C GLY B 95 33.97 11.08 30.96
N LEU B 96 33.52 9.85 30.62
CA LEU B 96 34.04 8.62 31.19
C LEU B 96 35.51 8.48 30.81
N GLU B 97 36.41 8.18 31.77
CA GLU B 97 37.80 7.80 31.44
C GLU B 97 37.87 6.27 31.51
N VAL B 98 38.23 5.63 30.37
CA VAL B 98 38.41 4.18 30.24
C VAL B 98 39.80 3.86 30.78
N THR B 99 39.90 2.90 31.69
CA THR B 99 41.17 2.47 32.30
C THR B 99 41.19 0.94 32.41
N ASP B 100 42.35 0.39 32.79
CA ASP B 100 42.50 -1.02 33.08
C ASP B 100 41.66 -1.43 34.29
N ALA B 101 41.35 -0.52 35.23
CA ALA B 101 40.50 -0.87 36.37
C ALA B 101 39.02 -1.03 36.01
N ASN B 102 38.57 -0.45 34.87
CA ASN B 102 37.14 -0.42 34.51
C ASN B 102 36.79 -0.93 33.10
N ARG B 103 37.77 -1.21 32.22
CA ARG B 103 37.44 -1.50 30.83
C ARG B 103 36.66 -2.79 30.67
N GLU B 104 36.85 -3.78 31.57
CA GLU B 104 36.10 -5.03 31.53
C GLU B 104 34.65 -4.83 31.97
N ARG B 105 34.30 -3.66 32.53
CA ARG B 105 32.99 -3.32 33.02
C ARG B 105 32.28 -2.34 32.12
N ILE B 106 32.86 -2.01 30.94
CA ILE B 106 32.24 -1.10 30.00
C ILE B 106 31.95 -1.91 28.73
N GLY B 107 30.64 -2.08 28.39
CA GLY B 107 30.21 -2.74 27.18
C GLY B 107 29.45 -1.87 26.17
N VAL B 108 28.95 -2.56 25.13
CA VAL B 108 28.29 -1.86 24.05
C VAL B 108 27.22 -2.75 23.43
N SER B 109 26.05 -2.09 23.17
CA SER B 109 24.91 -2.69 22.52
C SER B 109 24.34 -1.69 21.52
N MET B 110 25.00 -1.56 20.36
CA MET B 110 24.51 -0.68 19.28
C MET B 110 23.95 -1.57 18.17
N GLY B 111 22.67 -1.38 17.80
CA GLY B 111 21.96 -2.24 16.84
C GLY B 111 21.65 -1.54 15.52
N SER B 112 21.01 -2.32 14.64
CA SER B 112 20.51 -1.82 13.36
C SER B 112 19.44 -2.78 12.84
N GLY B 113 18.49 -2.22 12.08
CA GLY B 113 17.43 -2.97 11.43
C GLY B 113 17.88 -3.84 10.27
N ILE B 114 18.46 -3.18 9.22
CA ILE B 114 18.89 -3.86 7.98
C ILE B 114 20.42 -3.83 7.86
N GLY B 115 21.11 -2.86 8.45
CA GLY B 115 22.55 -2.92 8.45
C GLY B 115 23.08 -2.44 7.10
N GLY B 116 24.10 -3.09 6.53
CA GLY B 116 24.90 -2.50 5.48
C GLY B 116 24.30 -2.71 4.08
N LEU B 117 23.05 -2.31 3.89
CA LEU B 117 22.34 -2.50 2.63
C LEU B 117 23.08 -1.82 1.47
N THR B 118 23.70 -0.66 1.66
CA THR B 118 24.41 0.06 0.62
C THR B 118 25.64 -0.72 0.16
N ASN B 119 26.37 -1.23 1.15
CA ASN B 119 27.54 -2.03 0.88
C ASN B 119 27.19 -3.30 0.15
N ILE B 120 26.12 -3.93 0.60
CA ILE B 120 25.71 -5.20 -0.01
C ILE B 120 25.41 -5.00 -1.50
N GLU B 121 24.70 -3.91 -1.84
CA GLU B 121 24.29 -3.56 -3.20
C GLU B 121 25.53 -3.25 -4.08
N ASN B 122 26.49 -2.43 -3.60
CA ASN B 122 27.75 -2.20 -4.29
C ASN B 122 28.51 -3.50 -4.48
N ASN B 123 28.59 -4.36 -3.48
CA ASN B 123 29.28 -5.65 -3.69
C ASN B 123 28.52 -6.58 -4.63
N CYS B 124 27.18 -6.53 -4.65
CA CYS B 124 26.41 -7.28 -5.64
C CYS B 124 26.68 -6.87 -7.09
N ARG B 125 26.76 -5.56 -7.36
CA ARG B 125 27.12 -5.04 -8.65
C ARG B 125 28.47 -5.62 -9.07
N SER B 126 29.51 -5.49 -8.23
CA SER B 126 30.82 -6.11 -8.46
C SER B 126 30.70 -7.59 -8.80
N LEU B 127 29.94 -8.35 -8.00
CA LEU B 127 29.76 -9.77 -8.19
C LEU B 127 29.22 -10.10 -9.58
N PHE B 128 28.16 -9.42 -9.99
CA PHE B 128 27.45 -9.79 -11.21
C PHE B 128 28.17 -9.29 -12.45
N GLU B 129 28.78 -8.11 -12.39
CA GLU B 129 29.51 -7.52 -13.51
C GLU B 129 30.79 -8.32 -13.76
N GLN B 130 31.60 -8.55 -12.71
CA GLN B 130 32.99 -8.95 -12.80
C GLN B 130 33.30 -10.26 -12.06
N GLY B 131 32.33 -10.92 -11.36
CA GLY B 131 32.61 -12.15 -10.65
C GLY B 131 33.09 -11.96 -9.21
N PRO B 132 33.15 -13.06 -8.42
CA PRO B 132 33.26 -12.98 -6.96
C PRO B 132 34.59 -12.46 -6.38
N ARG B 133 35.66 -12.42 -7.18
CA ARG B 133 36.94 -11.85 -6.77
C ARG B 133 36.98 -10.33 -6.80
N ARG B 134 35.98 -9.63 -7.36
CA ARG B 134 35.86 -8.17 -7.19
C ARG B 134 35.31 -7.82 -5.79
N ILE B 135 34.76 -8.78 -5.00
CA ILE B 135 34.22 -8.50 -3.67
C ILE B 135 35.33 -8.02 -2.73
N SER B 136 35.07 -6.95 -2.00
CA SER B 136 36.07 -6.45 -1.07
C SER B 136 36.39 -7.52 -0.02
N PRO B 137 37.67 -7.72 0.41
CA PRO B 137 38.00 -8.38 1.67
C PRO B 137 37.45 -7.83 2.97
N PHE B 138 37.08 -6.53 2.98
CA PHE B 138 36.38 -5.86 4.08
C PHE B 138 34.86 -5.97 3.95
N PHE B 139 34.31 -6.71 2.98
CA PHE B 139 32.88 -6.66 2.76
C PHE B 139 32.11 -7.17 4.00
N VAL B 140 32.46 -8.36 4.55
CA VAL B 140 31.76 -8.94 5.68
C VAL B 140 31.94 -8.06 6.93
N PRO B 141 33.17 -7.81 7.44
CA PRO B 141 33.33 -6.97 8.64
C PRO B 141 32.88 -5.51 8.50
N GLY B 142 32.80 -4.98 7.30
CA GLY B 142 32.27 -3.63 7.09
C GLY B 142 30.77 -3.49 6.87
N SER B 143 30.04 -4.61 6.93
CA SER B 143 28.63 -4.66 6.58
C SER B 143 27.72 -5.22 7.68
N ILE B 144 28.23 -6.12 8.52
CA ILE B 144 27.42 -6.87 9.47
C ILE B 144 27.03 -5.95 10.64
N ILE B 145 25.84 -6.21 11.17
CA ILE B 145 25.19 -5.32 12.11
C ILE B 145 25.98 -5.13 13.41
N ASN B 146 26.64 -6.16 13.91
CA ASN B 146 27.31 -6.08 15.21
C ASN B 146 28.65 -5.36 15.10
N MET B 147 29.09 -4.87 13.91
CA MET B 147 30.41 -4.24 13.83
C MET B 147 30.43 -2.76 14.30
N VAL B 148 29.28 -2.10 14.55
CA VAL B 148 29.31 -0.87 15.35
C VAL B 148 29.80 -1.15 16.79
N SER B 149 29.22 -2.16 17.45
CA SER B 149 29.67 -2.63 18.76
C SER B 149 31.12 -3.13 18.72
N GLY B 150 31.47 -3.89 17.66
CA GLY B 150 32.84 -4.38 17.47
C GLY B 150 33.86 -3.25 17.38
N PHE B 151 33.65 -2.30 16.45
CA PHE B 151 34.60 -1.21 16.19
C PHE B 151 34.69 -0.24 17.36
N LEU B 152 33.56 0.09 18.00
CA LEU B 152 33.63 0.98 19.17
C LEU B 152 34.52 0.38 20.26
N SER B 153 34.41 -0.93 20.45
CA SER B 153 35.08 -1.56 21.55
C SER B 153 36.58 -1.57 21.28
N ILE B 154 36.96 -1.77 20.00
CA ILE B 154 38.34 -1.71 19.55
C ILE B 154 38.88 -0.29 19.70
N HIS B 155 38.19 0.74 19.20
CA HIS B 155 38.66 2.13 19.33
C HIS B 155 38.88 2.62 20.74
N LEU B 156 37.97 2.31 21.65
CA LEU B 156 38.01 2.81 23.01
C LEU B 156 38.53 1.77 24.00
N GLY B 157 38.79 0.52 23.59
CA GLY B 157 39.29 -0.54 24.44
C GLY B 157 38.25 -1.06 25.43
N LEU B 158 36.98 -1.22 24.99
CA LEU B 158 35.90 -1.63 25.89
C LEU B 158 35.81 -3.15 25.85
N GLN B 159 35.93 -3.84 26.99
CA GLN B 159 35.97 -5.29 27.04
C GLN B 159 34.78 -5.90 27.75
N GLY B 160 33.74 -5.11 28.10
CA GLY B 160 32.53 -5.66 28.74
C GLY B 160 31.61 -6.34 27.73
N PRO B 161 30.34 -6.66 28.07
CA PRO B 161 29.41 -7.29 27.13
C PRO B 161 29.36 -6.58 25.78
N ASN B 162 29.45 -7.34 24.68
CA ASN B 162 29.59 -6.76 23.34
C ASN B 162 28.53 -7.42 22.46
N TYR B 163 27.48 -6.71 22.03
CA TYR B 163 26.48 -7.40 21.20
C TYR B 163 25.66 -6.40 20.43
N ALA B 164 24.75 -6.89 19.59
CA ALA B 164 23.87 -6.08 18.77
C ALA B 164 22.52 -6.79 18.53
N LEU B 165 21.45 -6.04 18.74
CA LEU B 165 20.08 -6.44 18.48
C LEU B 165 19.73 -6.05 17.03
N THR B 166 18.74 -6.73 16.45
CA THR B 166 18.14 -6.37 15.17
C THR B 166 16.68 -6.75 15.28
N THR B 167 15.83 -5.77 15.62
CA THR B 167 14.41 -6.02 15.78
C THR B 167 13.65 -4.95 15.01
N ALA B 168 14.06 -4.71 13.75
CA ALA B 168 13.38 -3.78 12.91
C ALA B 168 13.29 -2.43 13.60
N ALA B 169 12.09 -1.81 13.56
CA ALA B 169 11.97 -0.47 14.11
C ALA B 169 12.02 -0.44 15.65
N THR B 170 12.09 -1.61 16.30
CA THR B 170 12.25 -1.67 17.76
C THR B 170 13.71 -1.75 18.20
N THR B 171 14.66 -1.74 17.27
CA THR B 171 16.06 -2.00 17.56
C THR B 171 16.63 -1.07 18.62
N GLY B 172 16.52 0.26 18.41
CA GLY B 172 17.11 1.21 19.33
C GLY B 172 16.56 1.12 20.75
N THR B 173 15.25 0.80 20.87
CA THR B 173 14.57 0.66 22.15
C THR B 173 15.07 -0.57 22.85
N HIS B 174 15.00 -1.73 22.17
CA HIS B 174 15.49 -2.94 22.78
C HIS B 174 16.97 -2.84 23.10
N SER B 175 17.75 -2.18 22.23
CA SER B 175 19.18 -2.11 22.52
C SER B 175 19.42 -1.44 23.88
N ILE B 176 18.74 -0.32 24.12
CA ILE B 176 18.90 0.46 25.32
C ILE B 176 18.40 -0.35 26.51
N GLY B 177 17.17 -0.87 26.37
CA GLY B 177 16.53 -1.69 27.39
C GLY B 177 17.40 -2.85 27.87
N MET B 178 17.90 -3.64 26.92
CA MET B 178 18.72 -4.79 27.28
C MET B 178 20.10 -4.43 27.86
N ALA B 179 20.60 -3.23 27.51
CA ALA B 179 21.83 -2.72 28.07
C ALA B 179 21.59 -2.32 29.53
N ALA B 180 20.42 -1.72 29.82
CA ALA B 180 20.06 -1.37 31.19
C ALA B 180 19.97 -2.63 32.08
N ARG B 181 19.45 -3.75 31.56
CA ARG B 181 19.45 -5.03 32.26
C ARG B 181 20.84 -5.53 32.61
N ASN B 182 21.78 -5.45 31.68
CA ASN B 182 23.15 -5.88 31.94
C ASN B 182 23.75 -5.15 33.15
N ILE B 183 23.48 -3.84 33.28
CA ILE B 183 23.98 -3.02 34.35
C ILE B 183 23.22 -3.34 35.63
N ALA B 184 21.89 -3.36 35.59
CA ALA B 184 21.07 -3.84 36.72
C ALA B 184 21.50 -5.18 37.33
N TYR B 185 21.91 -6.15 36.52
CA TYR B 185 22.26 -7.48 36.98
C TYR B 185 23.72 -7.55 37.41
N GLY B 186 24.54 -6.50 37.25
CA GLY B 186 25.96 -6.60 37.57
C GLY B 186 26.88 -7.25 36.50
N GLU B 187 26.46 -7.49 35.25
CA GLU B 187 27.39 -7.89 34.16
C GLU B 187 28.23 -6.73 33.64
N ALA B 188 27.81 -5.49 33.91
CA ALA B 188 28.55 -4.31 33.52
C ALA B 188 28.16 -3.14 34.40
N ASP B 189 29.03 -2.14 34.46
CA ASP B 189 28.77 -0.88 35.15
C ASP B 189 28.40 0.22 34.16
N VAL B 190 28.93 0.17 32.92
CA VAL B 190 28.56 1.15 31.92
C VAL B 190 28.25 0.41 30.63
N MET B 191 27.26 0.92 29.87
CA MET B 191 27.02 0.43 28.52
C MET B 191 26.79 1.63 27.61
N VAL B 192 27.38 1.51 26.39
CA VAL B 192 26.99 2.33 25.26
C VAL B 192 25.92 1.62 24.44
N ALA B 193 24.79 2.29 24.20
CA ALA B 193 23.70 1.57 23.57
C ALA B 193 22.83 2.52 22.78
N GLY B 194 22.15 1.94 21.80
CA GLY B 194 21.54 2.74 20.77
C GLY B 194 21.41 1.96 19.48
N GLY B 195 21.28 2.72 18.39
CA GLY B 195 21.24 2.11 17.08
C GLY B 195 21.50 3.11 15.99
N SER B 196 21.61 2.57 14.78
CA SER B 196 21.90 3.35 13.59
C SER B 196 21.28 2.69 12.38
N GLU B 197 21.05 3.54 11.39
CA GLU B 197 20.50 3.02 10.16
C GLU B 197 20.84 3.92 9.01
N MET B 198 21.03 3.27 7.87
CA MET B 198 21.16 4.01 6.61
C MET B 198 20.65 3.11 5.50
N ALA B 199 19.36 3.21 5.20
CA ALA B 199 18.71 2.36 4.22
C ALA B 199 18.34 3.14 2.96
N ALA B 200 18.88 4.36 2.73
CA ALA B 200 18.50 5.20 1.60
C ALA B 200 19.41 4.84 0.42
N CYS B 201 19.19 3.63 -0.10
CA CYS B 201 19.72 3.09 -1.33
C CYS B 201 18.53 2.52 -2.15
N GLY B 202 18.78 2.09 -3.39
CA GLY B 202 17.76 1.48 -4.21
C GLY B 202 17.02 0.27 -3.61
N LEU B 203 17.76 -0.66 -2.97
CA LEU B 203 17.16 -1.83 -2.31
C LEU B 203 16.23 -1.41 -1.16
N GLY B 204 16.63 -0.37 -0.41
CA GLY B 204 15.81 0.09 0.71
C GLY B 204 14.56 0.85 0.29
N LEU B 205 14.75 1.90 -0.51
CA LEU B 205 13.66 2.68 -1.09
C LEU B 205 12.70 1.82 -1.90
N GLY B 206 13.24 0.93 -2.75
CA GLY B 206 12.46 -0.06 -3.46
C GLY B 206 11.81 -1.12 -2.57
N GLY B 207 12.51 -1.53 -1.50
CA GLY B 207 11.97 -2.40 -0.46
C GLY B 207 10.71 -1.84 0.19
N PHE B 208 10.82 -0.63 0.74
CA PHE B 208 9.69 -0.04 1.46
C PHE B 208 8.59 0.44 0.52
N GLY B 209 8.94 0.88 -0.70
CA GLY B 209 7.98 1.32 -1.75
C GLY B 209 7.15 0.20 -2.36
N ALA B 210 7.77 -0.98 -2.58
CA ALA B 210 7.13 -2.18 -3.05
C ALA B 210 6.03 -2.65 -2.11
N ALA B 211 6.23 -2.50 -0.78
CA ALA B 211 5.18 -2.74 0.19
C ALA B 211 4.03 -1.72 0.14
N ARG B 212 4.21 -0.56 -0.52
CA ARG B 212 3.30 0.57 -0.56
C ARG B 212 3.19 1.20 0.83
N ALA B 213 4.26 1.17 1.63
CA ALA B 213 4.28 1.68 2.98
C ALA B 213 4.75 3.16 3.07
N LEU B 214 5.39 3.72 2.01
CA LEU B 214 5.92 5.08 2.05
C LEU B 214 4.91 6.16 1.66
N SER B 215 4.96 7.31 2.34
CA SER B 215 4.37 8.52 1.82
C SER B 215 4.92 8.83 0.43
N THR B 216 4.00 9.14 -0.50
CA THR B 216 4.36 9.59 -1.85
C THR B 216 4.07 11.09 -2.03
N ARG B 217 4.19 11.94 -0.99
CA ARG B 217 3.84 13.35 -1.13
C ARG B 217 5.09 14.11 -1.58
N ASN B 218 5.48 13.90 -2.84
CA ASN B 218 6.72 14.48 -3.40
C ASN B 218 6.64 16.02 -3.56
N ASP B 219 5.44 16.57 -3.77
CA ASP B 219 5.18 18.00 -3.87
C ASP B 219 5.52 18.78 -2.59
N GLU B 220 5.38 18.16 -1.39
CA GLU B 220 5.47 18.81 -0.08
C GLU B 220 6.20 17.87 0.89
N PRO B 221 7.50 17.58 0.72
CA PRO B 221 8.19 16.64 1.60
C PRO B 221 8.08 16.90 3.11
N THR B 222 8.07 18.20 3.50
CA THR B 222 8.04 18.60 4.89
C THR B 222 6.69 18.32 5.53
N ARG B 223 5.61 18.23 4.72
CA ARG B 223 4.28 17.88 5.17
C ARG B 223 3.92 16.40 5.04
N ALA B 224 4.81 15.53 4.51
CA ALA B 224 4.50 14.12 4.25
C ALA B 224 4.22 13.39 5.56
N SER B 225 5.16 13.50 6.54
CA SER B 225 5.08 12.84 7.84
C SER B 225 4.08 13.57 8.72
N ARG B 226 2.92 12.93 8.96
CA ARG B 226 1.81 13.64 9.57
C ARG B 226 1.06 12.68 10.49
N PRO B 227 1.71 12.27 11.60
CA PRO B 227 1.12 11.28 12.51
C PRO B 227 -0.25 11.67 13.05
N TRP B 228 -1.22 10.77 13.00
CA TRP B 228 -2.61 10.99 13.44
C TRP B 228 -3.46 11.85 12.52
N ASP B 229 -2.90 12.39 11.43
CA ASP B 229 -3.63 13.32 10.59
C ASP B 229 -4.46 12.47 9.64
N ARG B 230 -5.64 12.97 9.32
CA ARG B 230 -6.57 12.26 8.47
C ARG B 230 -6.08 12.06 7.02
N ASP B 231 -5.14 12.84 6.51
CA ASP B 231 -4.63 12.71 5.15
C ASP B 231 -3.25 12.10 5.17
N ARG B 232 -2.81 11.44 6.27
CA ARG B 232 -1.57 10.68 6.28
C ARG B 232 -1.60 9.55 5.24
N ASP B 233 -0.40 9.14 4.75
CA ASP B 233 -0.33 8.15 3.68
C ASP B 233 0.94 7.28 3.76
N GLY B 234 1.46 7.02 4.95
CA GLY B 234 2.68 6.22 5.04
C GLY B 234 3.85 7.02 5.59
N PHE B 235 4.90 6.27 5.87
CA PHE B 235 6.01 6.77 6.62
C PHE B 235 7.01 7.41 5.65
N VAL B 236 7.96 8.15 6.22
CA VAL B 236 9.06 8.79 5.54
C VAL B 236 10.35 8.13 6.04
N LEU B 237 11.22 7.78 5.13
CA LEU B 237 12.39 6.97 5.41
C LEU B 237 13.50 7.92 5.80
N SER B 238 14.11 7.71 6.97
CA SER B 238 15.16 8.58 7.45
C SER B 238 16.37 7.76 7.91
N ASP B 239 17.52 8.43 8.01
CA ASP B 239 18.83 7.87 8.32
C ASP B 239 19.37 8.54 9.56
N GLY B 240 20.23 7.80 10.26
CA GLY B 240 20.91 8.35 11.41
C GLY B 240 21.26 7.35 12.50
N SER B 241 21.50 7.91 13.70
CA SER B 241 22.04 7.14 14.79
C SER B 241 21.78 7.82 16.14
N GLY B 242 21.57 7.01 17.17
CA GLY B 242 21.43 7.52 18.53
C GLY B 242 22.25 6.64 19.43
N ALA B 243 22.96 7.23 20.40
CA ALA B 243 23.62 6.42 21.45
C ALA B 243 23.46 7.12 22.80
N LEU B 244 23.28 6.29 23.84
CA LEU B 244 23.29 6.75 25.24
C LEU B 244 24.42 6.01 25.96
N VAL B 245 25.03 6.69 26.95
CA VAL B 245 25.88 6.06 27.94
C VAL B 245 24.99 5.81 29.15
N LEU B 246 24.77 4.53 29.41
CA LEU B 246 23.99 4.07 30.55
C LEU B 246 25.01 3.71 31.60
N GLU B 247 24.69 3.94 32.89
CA GLU B 247 25.69 3.81 33.97
C GLU B 247 25.02 3.44 35.31
N GLU B 248 25.61 2.51 36.07
CA GLU B 248 25.16 2.26 37.43
C GLU B 248 25.27 3.54 38.26
N LEU B 249 24.22 3.85 39.03
CA LEU B 249 24.09 5.11 39.75
C LEU B 249 25.31 5.44 40.64
N GLU B 250 25.72 4.50 41.47
CA GLU B 250 26.84 4.71 42.38
C GLU B 250 28.17 4.90 41.62
N HIS B 251 28.36 4.17 40.50
CA HIS B 251 29.46 4.48 39.57
C HIS B 251 29.42 5.94 39.09
N ALA B 252 28.25 6.44 38.68
CA ALA B 252 28.09 7.82 38.19
C ALA B 252 28.45 8.83 39.27
N ARG B 253 27.80 8.73 40.45
CA ARG B 253 28.07 9.51 41.66
C ARG B 253 29.54 9.53 42.08
N ALA B 254 30.20 8.38 42.15
CA ALA B 254 31.61 8.29 42.57
C ALA B 254 32.57 9.12 41.68
N ARG B 255 32.38 9.12 40.34
CA ARG B 255 33.18 9.98 39.45
C ARG B 255 32.56 11.38 39.26
N GLY B 256 31.45 11.72 39.92
CA GLY B 256 30.81 13.02 39.79
C GLY B 256 30.26 13.30 38.39
N ALA B 257 29.60 12.35 37.74
CA ALA B 257 29.01 12.51 36.40
C ALA B 257 27.78 13.41 36.45
N ARG B 258 27.54 14.17 35.40
CA ARG B 258 26.26 14.84 35.16
C ARG B 258 25.25 13.75 34.73
N ILE B 259 24.09 13.71 35.44
CA ILE B 259 23.02 12.75 35.17
C ILE B 259 21.88 13.51 34.50
N TYR B 260 21.53 13.13 33.26
CA TYR B 260 20.35 13.66 32.57
C TYR B 260 19.01 13.16 33.17
N ALA B 261 18.98 11.88 33.59
CA ALA B 261 17.75 11.18 33.87
C ALA B 261 18.09 9.74 34.28
N GLU B 262 17.08 9.10 34.89
CA GLU B 262 17.13 7.71 35.24
C GLU B 262 16.24 6.87 34.33
N LEU B 263 16.76 5.70 33.96
CA LEU B 263 16.04 4.69 33.18
C LEU B 263 15.49 3.69 34.19
N VAL B 264 14.15 3.72 34.41
CA VAL B 264 13.45 2.99 35.45
C VAL B 264 12.66 1.80 34.90
N GLY B 265 12.33 1.73 33.59
CA GLY B 265 11.45 0.68 33.12
C GLY B 265 11.79 0.26 31.70
N PHE B 266 11.80 -1.05 31.48
CA PHE B 266 11.81 -1.63 30.18
C PHE B 266 10.76 -2.73 30.09
N GLY B 267 9.98 -2.68 29.00
CA GLY B 267 9.04 -3.70 28.62
C GLY B 267 9.12 -4.10 27.14
N MET B 268 8.78 -5.38 26.91
CA MET B 268 8.73 -6.10 25.65
C MET B 268 7.41 -6.91 25.58
N SER B 269 6.90 -7.05 24.35
CA SER B 269 5.90 -8.05 24.01
C SER B 269 5.91 -8.35 22.51
N GLY B 270 5.19 -9.43 22.17
CA GLY B 270 4.89 -9.82 20.79
C GLY B 270 3.39 -9.71 20.51
N ASP B 271 3.01 -9.11 19.37
CA ASP B 271 1.60 -9.08 18.95
C ASP B 271 1.13 -10.50 18.63
N ALA B 272 1.96 -11.26 17.94
CA ALA B 272 1.55 -12.55 17.40
C ALA B 272 0.31 -12.43 16.51
N PHE B 273 0.28 -11.37 15.69
CA PHE B 273 -0.87 -11.00 14.87
C PHE B 273 -0.42 -11.09 13.43
N HIS B 274 0.55 -10.25 12.99
CA HIS B 274 0.89 -10.15 11.56
C HIS B 274 2.33 -9.67 11.37
N MET B 275 2.93 -10.10 10.24
CA MET B 275 4.22 -9.70 9.63
C MET B 275 4.56 -8.22 9.85
N THR B 276 3.59 -7.36 9.45
CA THR B 276 3.82 -5.94 9.17
C THR B 276 2.69 -5.11 9.77
N ALA B 277 1.44 -5.48 9.51
CA ALA B 277 0.27 -4.85 10.12
C ALA B 277 0.20 -5.00 11.64
N PRO B 278 -0.17 -3.94 12.41
CA PRO B 278 -0.51 -4.11 13.82
C PRO B 278 -1.97 -4.52 13.93
N PRO B 279 -2.40 -5.15 15.05
CA PRO B 279 -3.84 -5.28 15.30
C PRO B 279 -4.47 -3.91 15.59
N GLU B 280 -5.73 -3.75 15.15
CA GLU B 280 -6.49 -2.51 15.13
C GLU B 280 -6.53 -1.86 16.53
N ASP B 281 -6.68 -2.70 17.60
CA ASP B 281 -6.72 -2.29 19.00
C ASP B 281 -5.36 -2.10 19.71
N GLY B 282 -4.22 -2.27 19.04
CA GLY B 282 -2.90 -2.09 19.67
C GLY B 282 -2.66 -2.90 20.95
N ALA B 283 -3.26 -4.10 21.01
CA ALA B 283 -3.27 -4.95 22.18
C ALA B 283 -1.85 -5.33 22.62
N GLY B 284 -0.96 -5.63 21.67
CA GLY B 284 0.42 -5.88 21.99
C GLY B 284 1.18 -4.64 22.49
N ALA B 285 0.90 -3.46 21.91
CA ALA B 285 1.50 -2.21 22.42
C ALA B 285 1.06 -1.92 23.85
N ALA B 286 -0.23 -2.18 24.16
CA ALA B 286 -0.80 -2.04 25.50
C ALA B 286 -0.06 -2.89 26.51
N ARG B 287 0.04 -4.20 26.25
CA ARG B 287 0.74 -5.15 27.09
C ARG B 287 2.20 -4.74 27.32
N CYS B 288 2.86 -4.26 26.27
CA CYS B 288 4.23 -3.77 26.37
C CYS B 288 4.38 -2.54 27.26
N MET B 289 3.48 -1.56 27.13
CA MET B 289 3.49 -0.41 28.03
C MET B 289 3.22 -0.83 29.50
N LYS B 290 2.31 -1.81 29.72
CA LYS B 290 1.99 -2.24 31.07
C LYS B 290 3.21 -2.99 31.60
N ASN B 291 3.93 -3.75 30.76
CA ASN B 291 5.15 -4.39 31.22
C ASN B 291 6.18 -3.37 31.69
N ALA B 292 6.34 -2.30 30.91
CA ALA B 292 7.36 -1.29 31.23
C ALA B 292 7.04 -0.54 32.54
N LEU B 293 5.75 -0.24 32.77
CA LEU B 293 5.32 0.46 33.98
C LEU B 293 5.46 -0.41 35.25
N ARG B 294 5.12 -1.71 35.16
CA ARG B 294 5.31 -2.68 36.23
C ARG B 294 6.78 -2.87 36.54
N ASP B 295 7.64 -2.96 35.50
CA ASP B 295 9.08 -2.96 35.65
C ASP B 295 9.59 -1.72 36.40
N ALA B 296 9.03 -0.54 36.16
CA ALA B 296 9.40 0.68 36.87
C ALA B 296 8.65 0.86 38.19
N GLY B 297 7.69 -0.01 38.53
CA GLY B 297 6.82 0.17 39.69
C GLY B 297 6.04 1.49 39.67
N LEU B 298 5.53 1.86 38.49
CA LEU B 298 4.72 3.06 38.29
C LEU B 298 3.31 2.62 37.90
N ASP B 299 2.35 3.34 38.48
CA ASP B 299 0.99 3.40 38.01
C ASP B 299 0.89 4.28 36.77
N PRO B 300 0.02 3.91 35.78
CA PRO B 300 -0.23 4.74 34.61
C PRO B 300 -0.49 6.23 34.83
N ARG B 301 -1.09 6.59 35.97
CA ARG B 301 -1.30 8.00 36.31
C ARG B 301 -0.04 8.79 36.66
N GLN B 302 1.13 8.17 36.77
CA GLN B 302 2.41 8.88 36.93
C GLN B 302 3.11 9.28 35.61
N VAL B 303 2.59 8.87 34.44
CA VAL B 303 3.21 9.15 33.17
C VAL B 303 2.73 10.54 32.75
N ASP B 304 3.68 11.44 32.46
CA ASP B 304 3.41 12.80 31.98
C ASP B 304 3.57 12.96 30.47
N TYR B 305 4.56 12.28 29.84
CA TYR B 305 4.87 12.42 28.41
C TYR B 305 5.12 11.05 27.79
N ILE B 306 4.47 10.79 26.62
CA ILE B 306 4.75 9.66 25.76
C ILE B 306 5.39 10.15 24.46
N ASN B 307 6.62 9.76 24.14
CA ASN B 307 7.19 9.86 22.82
C ASN B 307 6.70 8.63 22.05
N ALA B 308 5.72 8.87 21.15
CA ALA B 308 5.00 7.81 20.43
C ALA B 308 5.89 7.25 19.34
N HIS B 309 5.56 6.02 18.90
CA HIS B 309 6.10 5.49 17.69
C HIS B 309 5.67 6.36 16.51
N GLY B 310 4.36 6.56 16.34
CA GLY B 310 3.78 7.58 15.48
C GLY B 310 4.39 7.69 14.09
N THR B 311 4.31 6.59 13.31
CA THR B 311 4.98 6.45 12.02
C THR B 311 4.39 7.26 10.85
N SER B 312 3.12 7.70 10.94
CA SER B 312 2.36 8.32 9.85
C SER B 312 1.78 7.26 8.91
N THR B 313 1.50 6.04 9.42
CA THR B 313 0.74 5.05 8.66
C THR B 313 -0.73 5.05 9.07
N PRO B 314 -1.67 4.71 8.15
CA PRO B 314 -3.11 4.63 8.52
C PRO B 314 -3.38 3.72 9.74
N ALA B 315 -2.97 2.45 9.67
CA ALA B 315 -3.26 1.46 10.71
C ALA B 315 -2.45 1.67 11.99
N GLY B 316 -1.16 1.98 11.86
CA GLY B 316 -0.26 2.11 12.98
C GLY B 316 -0.69 3.17 13.98
N ASP B 317 -0.92 4.36 13.42
CA ASP B 317 -1.22 5.52 14.23
C ASP B 317 -2.50 5.31 15.06
N ILE B 318 -3.53 4.76 14.42
CA ILE B 318 -4.80 4.51 15.13
C ILE B 318 -4.60 3.45 16.22
N ALA B 319 -3.87 2.35 15.93
CA ALA B 319 -3.61 1.30 16.91
C ALA B 319 -2.88 1.82 18.16
N GLU B 320 -1.99 2.80 17.98
CA GLU B 320 -1.28 3.38 19.12
C GLU B 320 -2.20 4.19 20.03
N ILE B 321 -3.12 4.98 19.46
CA ILE B 321 -4.10 5.73 20.25
C ILE B 321 -4.93 4.74 21.08
N ALA B 322 -5.40 3.67 20.47
CA ALA B 322 -6.19 2.64 21.17
C ALA B 322 -5.42 2.00 22.33
N ALA B 323 -4.15 1.65 22.09
CA ALA B 323 -3.29 1.04 23.12
C ALA B 323 -3.14 1.99 24.32
N VAL B 324 -2.89 3.27 24.00
CA VAL B 324 -2.74 4.32 25.01
C VAL B 324 -4.05 4.51 25.80
N LYS B 325 -5.19 4.48 25.11
CA LYS B 325 -6.49 4.54 25.78
C LYS B 325 -6.72 3.32 26.71
N SER B 326 -6.32 2.10 26.27
CA SER B 326 -6.43 0.90 27.09
CA SER B 326 -6.43 0.90 27.10
C SER B 326 -5.60 1.06 28.36
N VAL B 327 -4.33 1.45 28.23
CA VAL B 327 -3.40 1.45 29.38
C VAL B 327 -3.76 2.56 30.35
N PHE B 328 -4.02 3.78 29.86
CA PHE B 328 -4.06 4.98 30.68
C PHE B 328 -5.48 5.39 31.06
N GLY B 329 -6.55 4.91 30.38
CA GLY B 329 -7.91 5.26 30.73
C GLY B 329 -8.13 6.78 30.64
N GLU B 330 -8.67 7.37 31.71
CA GLU B 330 -8.98 8.80 31.80
C GLU B 330 -7.69 9.63 31.86
N HIS B 331 -6.58 9.05 32.38
CA HIS B 331 -5.28 9.71 32.36
C HIS B 331 -4.75 9.88 30.93
N ALA B 332 -5.25 9.11 29.93
CA ALA B 332 -4.89 9.32 28.52
C ALA B 332 -5.16 10.73 28.06
N HIS B 333 -6.16 11.41 28.66
CA HIS B 333 -6.44 12.83 28.40
C HIS B 333 -5.65 13.84 29.24
N ALA B 334 -4.81 13.40 30.18
CA ALA B 334 -4.06 14.28 31.08
C ALA B 334 -2.59 14.34 30.67
N LEU B 335 -1.99 13.21 30.26
CA LEU B 335 -0.65 13.20 29.67
C LEU B 335 -0.63 13.90 28.30
N SER B 336 0.58 14.13 27.80
CA SER B 336 0.88 14.67 26.49
C SER B 336 1.62 13.59 25.70
N MET B 337 1.23 13.33 24.44
CA MET B 337 1.87 12.32 23.63
C MET B 337 2.29 12.97 22.32
N SER B 338 3.52 12.74 21.82
CA SER B 338 3.90 13.31 20.54
C SER B 338 4.76 12.36 19.73
N SER B 339 4.69 12.50 18.40
CA SER B 339 5.58 11.88 17.46
C SER B 339 6.55 12.93 16.94
N THR B 340 7.81 12.79 17.34
CA THR B 340 8.91 13.50 16.71
C THR B 340 9.28 13.01 15.30
N LYS B 341 8.76 11.85 14.85
CA LYS B 341 8.82 11.46 13.45
C LYS B 341 8.08 12.42 12.53
N SER B 342 7.09 13.19 13.01
CA SER B 342 6.58 14.33 12.27
C SER B 342 7.68 15.24 11.72
N MET B 343 8.80 15.35 12.44
CA MET B 343 9.95 16.15 12.03
C MET B 343 11.07 15.30 11.41
N THR B 344 11.40 14.16 12.05
CA THR B 344 12.62 13.43 11.75
C THR B 344 12.37 12.42 10.64
N GLY B 345 11.11 12.05 10.39
CA GLY B 345 10.78 10.81 9.74
C GLY B 345 11.18 9.60 10.58
N HIS B 346 11.09 8.43 9.95
CA HIS B 346 11.30 7.14 10.56
C HIS B 346 12.75 6.74 10.29
N LEU B 347 13.56 6.75 11.34
CA LEU B 347 14.95 6.27 11.35
C LEU B 347 15.12 4.75 11.61
N LEU B 348 14.08 3.96 11.45
CA LEU B 348 14.13 2.50 11.46
C LEU B 348 14.81 1.98 12.73
N GLY B 349 15.96 1.33 12.63
CA GLY B 349 16.63 0.79 13.80
C GLY B 349 17.12 1.85 14.77
N ALA B 350 17.38 3.08 14.29
CA ALA B 350 17.77 4.22 15.10
C ALA B 350 16.59 4.94 15.74
N ALA B 351 15.35 4.73 15.25
CA ALA B 351 14.17 5.43 15.74
C ALA B 351 14.05 5.43 17.27
N GLY B 352 14.15 4.27 17.88
CA GLY B 352 14.06 4.20 19.32
C GLY B 352 15.22 4.86 20.09
N ALA B 353 16.38 4.92 19.49
CA ALA B 353 17.56 5.51 20.16
C ALA B 353 17.42 7.03 20.20
N VAL B 354 17.12 7.66 19.06
CA VAL B 354 16.97 9.12 19.02
C VAL B 354 15.71 9.53 19.80
N GLU B 355 14.66 8.69 19.73
CA GLU B 355 13.47 8.94 20.52
C GLU B 355 13.69 8.78 22.03
N ALA B 356 14.56 7.85 22.47
CA ALA B 356 14.99 7.82 23.87
C ALA B 356 15.69 9.13 24.29
N ILE B 357 16.54 9.70 23.44
CA ILE B 357 17.25 10.94 23.75
C ILE B 357 16.26 12.12 23.89
N PHE B 358 15.31 12.22 22.96
CA PHE B 358 14.34 13.30 23.01
C PHE B 358 13.46 13.22 24.27
N SER B 359 13.16 12.00 24.74
CA SER B 359 12.40 11.76 25.94
C SER B 359 13.19 12.20 27.18
N VAL B 360 14.49 11.92 27.17
CA VAL B 360 15.38 12.43 28.20
C VAL B 360 15.44 13.97 28.18
N LEU B 361 15.61 14.57 27.01
CA LEU B 361 15.69 16.03 26.92
C LEU B 361 14.36 16.69 27.27
N ALA B 362 13.24 16.00 27.04
CA ALA B 362 11.96 16.47 27.53
C ALA B 362 11.95 16.56 29.06
N LEU B 363 12.53 15.56 29.72
CA LEU B 363 12.69 15.57 31.17
C LEU B 363 13.60 16.72 31.60
N ARG B 364 14.72 16.92 30.92
CA ARG B 364 15.65 17.97 31.26
C ARG B 364 15.00 19.36 31.09
N ASP B 365 14.28 19.60 29.98
CA ASP B 365 13.84 20.95 29.62
C ASP B 365 12.38 21.15 30.03
N GLN B 366 11.68 20.13 30.56
CA GLN B 366 10.30 20.25 30.97
C GLN B 366 9.50 20.81 29.82
N VAL B 367 9.55 20.07 28.72
CA VAL B 367 8.88 20.49 27.50
C VAL B 367 8.56 19.24 26.67
N ALA B 368 7.32 19.25 26.16
CA ALA B 368 6.76 18.19 25.39
C ALA B 368 6.97 18.64 23.95
N PRO B 369 7.82 17.99 23.15
CA PRO B 369 8.01 18.39 21.78
C PRO B 369 6.73 18.20 20.95
N PRO B 370 6.61 18.93 19.81
CA PRO B 370 5.39 18.88 18.99
C PRO B 370 5.28 17.66 18.09
N THR B 371 4.04 17.34 17.72
CA THR B 371 3.68 16.64 16.50
C THR B 371 3.34 17.71 15.48
N ILE B 372 4.28 18.03 14.58
CA ILE B 372 4.01 18.92 13.44
C ILE B 372 3.13 18.20 12.39
N ASN B 373 2.59 19.01 11.49
CA ASN B 373 1.68 18.59 10.43
C ASN B 373 0.34 18.04 10.92
N LEU B 374 -0.01 18.12 12.22
CA LEU B 374 -1.24 17.52 12.70
C LEU B 374 -2.36 18.55 12.50
N ASP B 375 -2.78 18.69 11.22
CA ASP B 375 -3.71 19.72 10.79
C ASP B 375 -5.13 19.31 11.13
N ASN B 376 -5.53 18.06 10.85
CA ASN B 376 -6.89 17.58 10.96
C ASN B 376 -6.82 16.21 11.62
N PRO B 377 -6.83 16.12 12.99
CA PRO B 377 -6.71 14.84 13.68
C PRO B 377 -7.76 13.84 13.25
N ASP B 378 -7.39 12.56 13.06
CA ASP B 378 -8.33 11.58 12.51
C ASP B 378 -9.29 11.12 13.61
N GLU B 379 -10.32 10.33 13.25
CA GLU B 379 -11.38 9.95 14.17
C GLU B 379 -10.73 9.17 15.31
N GLY B 380 -11.04 9.58 16.57
CA GLY B 380 -10.46 8.99 17.74
C GLY B 380 -9.17 9.63 18.22
N CYS B 381 -8.49 10.48 17.41
CA CYS B 381 -7.20 11.06 17.73
C CYS B 381 -7.43 12.35 18.51
N ASP B 382 -8.07 12.19 19.69
CA ASP B 382 -8.63 13.26 20.51
C ASP B 382 -7.81 13.46 21.78
N LEU B 383 -6.60 12.86 21.91
CA LEU B 383 -5.71 13.09 23.05
C LEU B 383 -4.90 14.37 22.79
N ASP B 384 -4.16 14.84 23.80
CA ASP B 384 -3.21 15.92 23.64
C ASP B 384 -2.02 15.33 22.91
N LEU B 385 -2.04 15.53 21.58
CA LEU B 385 -0.98 15.12 20.69
C LEU B 385 0.04 16.23 20.42
N VAL B 386 -0.06 17.38 21.13
CA VAL B 386 0.91 18.48 21.08
C VAL B 386 1.02 18.95 19.63
N ALA B 387 -0.11 19.14 18.97
CA ALA B 387 -0.14 19.54 17.57
C ALA B 387 0.63 20.85 17.37
N HIS B 388 1.54 20.93 16.39
CA HIS B 388 2.04 22.18 15.81
C HIS B 388 3.19 22.77 16.60
N GLU B 389 3.11 22.92 17.94
CA GLU B 389 4.16 23.65 18.69
C GLU B 389 4.47 23.00 20.03
N ALA B 390 5.73 23.12 20.45
CA ALA B 390 6.19 22.64 21.75
C ALA B 390 5.36 23.20 22.92
N LYS B 391 5.07 22.36 23.92
CA LYS B 391 4.27 22.69 25.10
C LYS B 391 5.21 22.52 26.29
N PRO B 392 5.69 23.63 26.91
CA PRO B 392 6.17 23.58 28.31
C PRO B 392 5.14 22.90 29.24
N ARG B 393 5.58 21.90 30.00
CA ARG B 393 4.77 21.33 31.07
C ARG B 393 5.64 20.58 32.07
N LYS B 394 5.06 20.23 33.22
CA LYS B 394 5.64 19.36 34.22
C LYS B 394 5.76 17.95 33.63
N ILE B 395 6.97 17.41 33.64
CA ILE B 395 7.23 16.07 33.14
C ILE B 395 8.14 15.41 34.15
N ASP B 396 7.61 14.48 34.98
CA ASP B 396 8.43 13.70 35.90
C ASP B 396 8.79 12.36 35.28
N VAL B 397 7.88 11.82 34.45
CA VAL B 397 8.01 10.48 33.89
C VAL B 397 7.73 10.59 32.39
N ALA B 398 8.68 10.12 31.57
CA ALA B 398 8.54 10.06 30.12
C ALA B 398 8.62 8.61 29.65
N LEU B 399 7.71 8.22 28.75
CA LEU B 399 7.67 6.89 28.13
C LEU B 399 7.97 7.00 26.62
N SER B 400 8.77 6.04 26.07
CA SER B 400 9.09 5.98 24.64
C SER B 400 8.72 4.62 24.13
N ASN B 401 7.86 4.58 23.10
CA ASN B 401 7.42 3.35 22.44
C ASN B 401 8.10 3.20 21.06
N SER B 402 8.36 1.92 20.73
CA SER B 402 8.73 1.44 19.43
C SER B 402 8.04 0.10 19.17
N PHE B 403 7.57 -0.07 17.94
CA PHE B 403 6.82 -1.20 17.43
C PHE B 403 7.36 -1.50 16.04
N GLY B 404 7.61 -2.79 15.74
CA GLY B 404 8.21 -3.16 14.46
C GLY B 404 7.60 -4.41 13.86
N PHE B 405 8.09 -4.68 12.66
CA PHE B 405 7.80 -5.86 11.89
C PHE B 405 8.09 -7.14 12.67
N GLY B 406 7.26 -8.17 12.47
CA GLY B 406 7.24 -9.36 13.32
C GLY B 406 6.39 -9.21 14.59
N GLY B 407 5.63 -8.10 14.72
CA GLY B 407 4.90 -7.71 15.93
C GLY B 407 5.75 -7.49 17.18
N THR B 408 6.99 -7.05 17.05
CA THR B 408 7.90 -6.90 18.19
C THR B 408 7.75 -5.48 18.78
N ASN B 409 7.52 -5.39 20.09
CA ASN B 409 7.15 -4.19 20.84
C ASN B 409 8.18 -3.96 21.92
N GLY B 410 8.50 -2.67 22.16
CA GLY B 410 9.41 -2.24 23.19
C GLY B 410 9.02 -0.88 23.75
N THR B 411 9.11 -0.72 25.08
CA THR B 411 8.85 0.54 25.73
C THR B 411 9.96 0.82 26.74
N LEU B 412 10.37 2.08 26.88
CA LEU B 412 11.31 2.52 27.90
C LEU B 412 10.59 3.55 28.75
N VAL B 413 10.80 3.48 30.08
CA VAL B 413 10.38 4.52 30.99
C VAL B 413 11.59 5.23 31.56
N PHE B 414 11.56 6.56 31.46
CA PHE B 414 12.56 7.45 32.03
C PHE B 414 11.91 8.32 33.10
N ARG B 415 12.71 8.70 34.13
CA ARG B 415 12.27 9.51 35.26
C ARG B 415 13.29 10.63 35.50
N ARG B 416 12.81 11.83 35.92
CA ARG B 416 13.70 12.92 36.29
C ARG B 416 14.49 12.41 37.52
N PHE B 417 15.78 12.72 37.54
CA PHE B 417 16.72 12.46 38.60
C PHE B 417 17.12 13.84 39.16
C4 XJR C . -28.85 -4.79 -21.75
C14 XJR C . -18.54 1.44 -24.56
C5 XJR C . -28.25 -4.25 -22.89
C6 XJR C . -26.55 -2.77 -23.70
C11 XJR C . -22.85 2.94 -22.74
C7 XJR C . -25.42 -1.85 -23.27
C8 XJR C . -24.20 -0.04 -24.10
C9 XJR C . -24.29 1.05 -23.33
C10 XJR C . -25.44 1.52 -22.49
C12 XJR C . -20.93 1.37 -24.76
C13 XJR C . -19.77 0.97 -24.11
N1 XJR C . -25.19 -1.01 -24.28
N2 XJR C . -23.09 1.70 -23.44
C3 XJR C . -29.63 -5.97 -21.84
N3 XJR C . -22.24 0.98 -24.32
C1 XJR C . -30.39 -8.88 -22.60
O1 XJR C . -30.59 -7.70 -23.34
C2 XJR C . -29.82 -6.59 -23.08
O2 XJR C . -27.47 -3.13 -22.67
O3 XJR C . -24.68 -1.81 -22.29
C15 XJR C . -18.43 2.27 -25.66
C16 XJR C . -19.58 2.58 -26.35
C17 XJR C . -20.83 2.16 -25.90
C18 XJR C . -22.93 -0.13 -24.73
O4 XJR C . -22.49 -0.99 -25.48
C19 XJR C . -28.46 -4.88 -24.15
C20 XJR C . -29.20 -6.06 -24.22
H5 XJR C . -28.71 -4.40 -20.91
H16 XJR C . -17.75 1.17 -24.11
H6 XJR C . -27.08 -2.35 -24.41
H7 XJR C . -26.14 -3.56 -24.08
H14 XJR C . -23.55 3.55 -22.95
H12 XJR C . -22.01 3.30 -23.02
H13 XJR C . -22.82 2.75 -21.80
H10 XJR C . -26.16 0.88 -22.54
H11 XJR C . -25.76 2.37 -22.83
H9 XJR C . -25.14 1.63 -21.58
H15 XJR C . -19.82 0.45 -23.33
H8 XJR C . -25.59 -0.99 -25.04
H4 XJR C . -30.01 -6.34 -21.07
H3 XJR C . -31.16 -9.47 -22.73
H1 XJR C . -30.29 -8.68 -21.67
H2 XJR C . -29.60 -9.33 -22.92
H17 XJR C . -17.58 2.52 -25.99
H18 XJR C . -19.53 3.14 -27.10
H19 XJR C . -21.61 2.43 -26.35
H20 XJR C . -28.06 -4.56 -24.93
H21 XJR C . -29.33 -6.47 -25.06
S DMS D . -11.73 -21.88 -23.63
O DMS D . -13.23 -21.64 -23.23
C1 DMS D . -11.63 -21.83 -25.31
C2 DMS D . -11.45 -23.67 -23.44
H11 DMS D . -10.73 -22.00 -25.58
H12 DMS D . -11.88 -20.95 -25.61
H13 DMS D . -12.21 -22.50 -25.69
H21 DMS D . -12.23 -24.14 -23.75
H22 DMS D . -11.29 -23.87 -22.51
H23 DMS D . -10.69 -23.93 -23.97
C FMT E . -0.37 12.35 -24.90
O1 FMT E . 0.04 11.90 -23.83
O2 FMT E . -0.98 13.57 -25.00
H FMT E . -0.27 11.83 -25.69
HO2 FMT E . -1.26 13.88 -25.75
C FMT F . -33.42 -1.97 2.75
O1 FMT F . -32.93 -3.07 2.57
O2 FMT F . -33.54 -1.04 1.78
H FMT F . -33.74 -1.74 3.63
HO2 FMT F . -33.83 -0.28 1.75
C FMT G . -42.70 -4.64 -2.88
O1 FMT G . -41.96 -3.68 -2.99
O2 FMT G . -42.25 -5.88 -2.57
H FMT G . -43.65 -4.52 -3.00
HO2 FMT G . -42.80 -6.21 -2.31
C4 XJR H . 2.81 1.38 14.63
C14 XJR H . 13.89 -1.45 10.13
C5 XJR H . 3.49 0.22 14.27
C6 XJR H . 5.33 -0.60 12.96
C11 XJR H . 9.74 0.40 7.91
C7 XJR H . 6.60 -0.10 12.33
C8 XJR H . 8.13 -0.97 10.78
C9 XJR H . 8.13 -0.23 9.66
C10 XJR H . 7.00 0.57 9.08
C12 XJR H . 11.52 -1.59 9.79
C13 XJR H . 12.62 -0.91 10.33
N1 XJR H . 7.06 -1.14 11.65
N2 XJR H . 9.36 -0.34 9.11
C3 XJR H . 1.83 1.35 15.63
N3 XJR H . 10.17 -1.13 9.96
C1 XJR H . 0.28 -0.81 18.16
O1 XJR H . 0.53 0.25 17.22
C2 XJR H . 1.52 0.15 16.26
O2 XJR H . 4.48 0.46 13.35
O3 XJR H . 7.22 0.97 12.42
C15 XJR H . 14.09 -2.62 9.41
C16 XJR H . 12.99 -3.30 8.93
C17 XJR H . 11.71 -2.79 9.13
C18 XJR H . 9.40 -1.57 11.00
O4 XJR H . 9.78 -2.35 11.85
C19 XJR H . 3.15 -1.00 14.89
C20 XJR H . 2.22 -1.01 15.91
H5 XJR H . 3.04 2.22 14.24
H16 XJR H . 14.64 -1.00 10.49
H6 XJR H . 4.82 -1.17 12.32
H7 XJR H . 5.57 -1.16 13.71
H14 XJR H . 9.19 0.12 7.17
H12 XJR H . 10.67 0.25 7.73
H13 XJR H . 9.61 1.33 8.09
H10 XJR H . 7.18 1.52 9.21
H11 XJR H . 6.17 0.34 9.52
H9 XJR H . 6.92 0.38 8.14
H15 XJR H . 12.49 -0.11 10.80
H8 XJR H . 6.77 -1.96 11.69
H4 XJR H . 1.41 2.14 15.89
H3 XJR H . -0.25 -0.46 18.90
H1 XJR H . 1.11 -1.16 18.49
H2 XJR H . -0.22 -1.51 17.71
H17 XJR H . 14.97 -2.98 9.31
H18 XJR H . 13.11 -4.10 8.45
H19 XJR H . 10.98 -3.23 8.76
H20 XJR H . 3.61 -1.80 14.68
H21 XJR H . 2.00 -1.84 16.31
S DMS I . 16.70 -1.04 34.45
O DMS I . 15.22 -0.80 34.13
C1 DMS I . 16.86 -2.80 34.24
C2 DMS I . 16.85 -0.76 36.20
H11 DMS I . 17.76 -3.06 34.40
H12 DMS I . 16.62 -3.03 33.33
H13 DMS I . 16.26 -3.26 34.86
H21 DMS I . 16.22 -1.32 36.67
H22 DMS I . 16.67 0.17 36.40
H23 DMS I . 17.75 -0.98 36.48
C FMT J . 9.25 1.95 -5.95
O1 FMT J . 8.05 1.71 -5.95
O2 FMT J . 9.75 3.13 -5.60
H FMT J . 9.85 1.26 -6.22
HO2 FMT J . 10.57 3.36 -5.68
C FMT K . 28.42 17.91 37.16
O1 FMT K . 29.17 17.70 36.22
O2 FMT K . 27.91 16.93 37.98
H FMT K . 28.16 18.81 37.36
HO2 FMT K . 27.61 16.88 38.61
C FMT L . -9.33 5.11 18.34
O1 FMT L . -8.37 4.39 18.12
O2 FMT L . -9.74 5.51 19.59
H FMT L . -9.84 5.43 17.60
HO2 FMT L . -10.20 5.80 19.35
C FMT M . -6.01 20.37 4.48
O1 FMT M . -7.19 20.51 4.77
O2 FMT M . -4.91 20.38 5.40
H FMT M . -5.79 20.23 3.55
HO2 FMT M . -4.38 20.35 5.11
#